data_1KSF
#
_entry.id   1KSF
#
_cell.length_a   124.107
_cell.length_b   124.107
_cell.length_c   97.042
_cell.angle_alpha   90.00
_cell.angle_beta   90.00
_cell.angle_gamma   120.00
#
_symmetry.space_group_name_H-M   'P 65'
#
loop_
_entity.id
_entity.type
_entity.pdbx_description
1 polymer 'ATP-DEPENDENT CLP PROTEASE ATP-BINDING SUBUNIT CLPA'
2 non-polymer 'MAGNESIUM ION'
3 non-polymer METHIONINE
4 non-polymer 'TRIETHYLENE GLYCOL'
5 non-polymer "ADENOSINE-5'-DIPHOSPHATE"
6 non-polymer 'ISOPROPYL ALCOHOL'
7 water water
#
_entity_poly.entity_id   1
_entity_poly.type   'polypeptide(L)'
_entity_poly.pdbx_seq_one_letter_code
;MLNQELELSLNMAFARAREHRHEFMTVEHLLLALLSNPSAREALEACSVDLVALRQELEAFIEQTTPVLPASEEERDTQP
TLSFQRVLQRAVFHVQSSGRNEVTGANVLVAIFSEQESQAAYLLRKHEVSRLDVVNFISHGTRKDEPTQSSDPGSQPNSE
EQAGGEERLENFTTNLNQLARVGGIDPLIGREKELERAIQVLCRRRKNNPLLVGESGVGKTAIAEGLAWRIVQGDVPEVM
ADCTIYSLDIGSLLAGTKYRGDFEKRFKALLKQLEQDTNSILFIDEIHTIIGAGAASGGQVDAANLIKPLLSSGKIRVIG
STTYQEFSNIFEKDRALARRFQKIDITEPSIEETVQIINGLKPKYEAHHDVRYTAKAVRAAVELAVKYINDRHLPDKAID
VIDEAGARARLMPVSKRKKTVNVADIESVVARIARIPEKSVSQSDRDTLKNLGDRLKMLVFGQDKAIEALTEAIKMARAG
LGHEHKPVGSFLFAGPTGVGKTEVTVQLSKALGIELLRFDMSEYMERHTVSRLIGAPPGYVGFDQGGLLTDAVIKHPHAV
LLLDEIEKAHPDVFNILLQVMDNGTLTDNNGRKADFRNVVLVMTTNAGVRETERKSIGLIHQDNSTDAMEEIKKIFTPEF
RNRLDNIIWFDHLSTDVIHQVVDKFIVELQVQLDQKGVSLEVSQEARNWLAEKGYDRAMGARPMARVIQDNLKKPLANEL
LFGSLVDGGQVTVALDKEKNELTYGFQSAQKHKAEAAH
;
_entity_poly.pdbx_strand_id   X
#
# COMPACT_ATOMS: atom_id res chain seq x y z
N MET A 1 -43.55 -8.89 -41.42
CA MET A 1 -42.82 -7.86 -42.17
C MET A 1 -41.35 -7.97 -41.85
N LEU A 2 -41.05 -8.56 -40.70
CA LEU A 2 -39.68 -8.74 -40.29
C LEU A 2 -39.25 -10.24 -40.44
N ASN A 3 -37.96 -10.46 -40.71
CA ASN A 3 -37.38 -11.81 -40.84
C ASN A 3 -37.57 -12.63 -39.60
N GLN A 4 -37.27 -13.90 -39.70
CA GLN A 4 -37.29 -14.79 -38.56
C GLN A 4 -35.99 -14.53 -37.83
N GLU A 5 -34.93 -14.31 -38.61
CA GLU A 5 -33.60 -14.08 -38.09
C GLU A 5 -33.54 -12.78 -37.31
N LEU A 6 -34.18 -11.74 -37.86
CA LEU A 6 -34.22 -10.43 -37.23
C LEU A 6 -35.14 -10.44 -36.02
N GLU A 7 -36.21 -11.22 -36.11
CA GLU A 7 -37.16 -11.32 -35.01
C GLU A 7 -36.50 -12.03 -33.83
N LEU A 8 -35.56 -12.91 -34.14
CA LEU A 8 -34.82 -13.65 -33.13
C LEU A 8 -33.84 -12.68 -32.49
N SER A 9 -33.10 -11.96 -33.33
CA SER A 9 -32.15 -10.95 -32.86
C SER A 9 -32.82 -9.91 -31.96
N LEU A 10 -34.10 -9.63 -32.21
CA LEU A 10 -34.82 -8.69 -31.39
C LEU A 10 -35.13 -9.31 -30.07
N ASN A 11 -35.65 -10.55 -30.10
CA ASN A 11 -36.01 -11.29 -28.87
C ASN A 11 -34.80 -11.53 -27.95
N MET A 12 -33.65 -11.85 -28.55
CA MET A 12 -32.44 -12.10 -27.78
C MET A 12 -31.87 -10.82 -27.17
N ALA A 13 -32.12 -9.69 -27.82
CA ALA A 13 -31.67 -8.41 -27.30
C ALA A 13 -32.70 -7.90 -26.27
N PHE A 14 -33.96 -8.32 -26.43
CA PHE A 14 -35.00 -7.99 -25.48
C PHE A 14 -34.70 -8.82 -24.24
N ALA A 15 -34.21 -10.04 -24.45
CA ALA A 15 -33.87 -10.93 -23.36
C ALA A 15 -32.79 -10.33 -22.49
N ARG A 16 -31.67 -9.95 -23.11
CA ARG A 16 -30.54 -9.34 -22.38
C ARG A 16 -30.96 -8.04 -21.60
N ALA A 17 -31.99 -7.37 -22.09
CA ALA A 17 -32.45 -6.14 -21.49
C ALA A 17 -33.24 -6.32 -20.17
N ARG A 18 -33.78 -7.52 -19.96
CA ARG A 18 -34.56 -7.79 -18.73
C ARG A 18 -33.78 -8.68 -17.80
N GLU A 19 -32.48 -8.75 -18.03
CA GLU A 19 -31.57 -9.53 -17.21
C GLU A 19 -30.56 -8.56 -16.66
N HIS A 20 -30.20 -7.59 -17.49
CA HIS A 20 -29.34 -6.51 -17.07
C HIS A 20 -30.29 -5.52 -16.44
N ARG A 21 -31.57 -5.81 -16.59
CA ARG A 21 -32.65 -5.00 -16.08
C ARG A 21 -32.64 -3.55 -16.54
N HIS A 22 -32.60 -3.38 -17.87
CA HIS A 22 -32.62 -2.08 -18.51
C HIS A 22 -34.05 -1.55 -18.60
N GLU A 23 -34.24 -0.27 -18.35
CA GLU A 23 -35.54 0.35 -18.50
C GLU A 23 -35.76 0.66 -20.00
N PHE A 24 -34.69 0.98 -20.69
CA PHE A 24 -34.78 1.32 -22.07
C PHE A 24 -34.08 0.39 -23.04
N MET A 25 -34.77 0.10 -24.12
CA MET A 25 -34.24 -0.65 -25.19
C MET A 25 -33.94 0.43 -26.21
N THR A 26 -32.67 0.66 -26.49
CA THR A 26 -32.27 1.78 -27.37
C THR A 26 -31.75 1.39 -28.73
N VAL A 27 -31.41 2.41 -29.52
CA VAL A 27 -30.85 2.19 -30.85
C VAL A 27 -29.49 1.51 -30.73
N GLU A 28 -28.80 1.74 -29.62
CA GLU A 28 -27.52 1.13 -29.39
C GLU A 28 -27.68 -0.32 -29.02
N HIS A 29 -28.81 -0.66 -28.38
CA HIS A 29 -29.11 -2.08 -28.05
C HIS A 29 -29.36 -2.81 -29.37
N LEU A 30 -30.01 -2.09 -30.29
CA LEU A 30 -30.36 -2.63 -31.59
C LEU A 30 -29.11 -3.00 -32.40
N LEU A 31 -28.15 -2.08 -32.50
CA LEU A 31 -26.91 -2.33 -33.24
C LEU A 31 -26.15 -3.51 -32.57
N LEU A 32 -26.20 -3.56 -31.24
CA LEU A 32 -25.58 -4.63 -30.51
C LEU A 32 -26.21 -5.96 -30.92
N ALA A 33 -27.55 -5.99 -30.97
CA ALA A 33 -28.29 -7.20 -31.39
C ALA A 33 -27.93 -7.57 -32.81
N LEU A 34 -27.80 -6.56 -33.66
CA LEU A 34 -27.45 -6.78 -35.06
C LEU A 34 -26.08 -7.45 -35.26
N LEU A 35 -25.23 -7.46 -34.22
CA LEU A 35 -23.93 -8.09 -34.32
C LEU A 35 -24.09 -9.62 -34.33
N SER A 36 -25.20 -10.10 -33.76
CA SER A 36 -25.54 -11.53 -33.75
C SER A 36 -26.28 -11.91 -35.05
N ASN A 37 -26.96 -10.93 -35.63
CA ASN A 37 -27.75 -11.12 -36.87
C ASN A 37 -26.91 -11.37 -38.11
N PRO A 38 -27.07 -12.56 -38.71
CA PRO A 38 -26.31 -12.95 -39.91
C PRO A 38 -26.21 -11.90 -41.06
N SER A 39 -27.34 -11.30 -41.48
CA SER A 39 -27.28 -10.29 -42.59
C SER A 39 -26.51 -9.00 -42.19
N ALA A 40 -26.78 -8.52 -41.01
CA ALA A 40 -26.08 -7.35 -40.52
C ALA A 40 -24.59 -7.71 -40.25
N ARG A 41 -24.34 -8.95 -39.82
CA ARG A 41 -22.97 -9.44 -39.56
C ARG A 41 -22.16 -9.52 -40.86
N GLU A 42 -22.77 -10.06 -41.92
CA GLU A 42 -22.09 -10.19 -43.19
C GLU A 42 -21.84 -8.81 -43.82
N ALA A 43 -22.74 -7.85 -43.56
CA ALA A 43 -22.61 -6.50 -44.08
C ALA A 43 -21.45 -5.79 -43.42
N LEU A 44 -21.32 -5.98 -42.12
CA LEU A 44 -20.24 -5.36 -41.36
C LEU A 44 -18.89 -6.02 -41.65
N GLU A 45 -18.92 -7.32 -41.96
CA GLU A 45 -17.70 -8.05 -42.30
C GLU A 45 -17.19 -7.61 -43.64
N ALA A 46 -18.12 -7.29 -44.55
CA ALA A 46 -17.78 -6.84 -45.89
C ALA A 46 -17.02 -5.51 -45.87
N CYS A 47 -17.35 -4.64 -44.91
CA CYS A 47 -16.69 -3.34 -44.77
C CYS A 47 -15.42 -3.42 -43.92
N SER A 48 -15.05 -4.64 -43.54
CA SER A 48 -13.87 -4.88 -42.70
C SER A 48 -14.00 -4.23 -41.35
N VAL A 49 -14.98 -4.66 -40.60
CA VAL A 49 -15.20 -4.14 -39.29
C VAL A 49 -14.87 -5.18 -38.28
N ASP A 50 -14.06 -4.82 -37.30
CA ASP A 50 -13.76 -5.74 -36.23
C ASP A 50 -14.97 -5.76 -35.31
N LEU A 51 -15.71 -6.87 -35.39
CA LEU A 51 -16.94 -7.05 -34.63
C LEU A 51 -16.76 -6.93 -33.12
N VAL A 52 -15.58 -7.32 -32.62
CA VAL A 52 -15.31 -7.23 -31.19
C VAL A 52 -15.08 -5.77 -30.77
N ALA A 53 -14.24 -5.05 -31.51
CA ALA A 53 -13.98 -3.62 -31.19
C ALA A 53 -15.28 -2.79 -31.24
N LEU A 54 -16.28 -3.26 -32.05
CA LEU A 54 -17.59 -2.60 -32.12
C LEU A 54 -18.44 -3.15 -30.93
N ARG A 55 -18.28 -4.47 -30.66
CA ARG A 55 -19.01 -5.14 -29.56
C ARG A 55 -18.74 -4.46 -28.23
N GLN A 56 -17.46 -4.40 -27.85
CA GLN A 56 -17.03 -3.78 -26.59
C GLN A 56 -17.54 -2.32 -26.46
N GLU A 57 -17.39 -1.54 -27.51
CA GLU A 57 -17.82 -0.13 -27.49
C GLU A 57 -19.35 0.08 -27.28
N LEU A 58 -20.17 -0.66 -28.02
CA LEU A 58 -21.61 -0.58 -27.86
C LEU A 58 -22.00 -1.00 -26.42
N GLU A 59 -21.42 -2.12 -25.97
CA GLU A 59 -21.71 -2.64 -24.65
C GLU A 59 -21.35 -1.67 -23.57
N ALA A 60 -20.17 -1.05 -23.68
CA ALA A 60 -19.68 -0.06 -22.72
C ALA A 60 -20.59 1.17 -22.67
N PHE A 61 -20.99 1.68 -23.84
CA PHE A 61 -21.89 2.84 -23.88
C PHE A 61 -23.27 2.53 -23.23
N ILE A 62 -23.86 1.39 -23.65
CA ILE A 62 -25.18 0.94 -23.12
C ILE A 62 -25.23 0.86 -21.56
N GLU A 63 -24.22 0.25 -20.97
CA GLU A 63 -24.19 0.09 -19.50
C GLU A 63 -23.95 1.43 -18.72
N GLN A 64 -23.25 2.37 -19.35
CA GLN A 64 -22.97 3.66 -18.75
C GLN A 64 -24.18 4.57 -18.79
N THR A 65 -25.05 4.37 -19.78
CA THR A 65 -26.16 5.30 -20.00
C THR A 65 -27.58 4.81 -19.79
N THR A 66 -27.81 3.53 -19.83
CA THR A 66 -29.17 3.03 -19.68
C THR A 66 -29.57 3.03 -18.22
N PRO A 67 -30.75 3.59 -17.93
CA PRO A 67 -31.27 3.58 -16.56
C PRO A 67 -31.57 2.15 -16.13
N VAL A 68 -31.38 1.85 -14.85
CA VAL A 68 -31.63 0.52 -14.33
C VAL A 68 -32.83 0.59 -13.40
N LEU A 69 -33.78 -0.31 -13.56
CA LEU A 69 -34.99 -0.26 -12.72
C LEU A 69 -35.34 -1.33 -11.63
N PRO A 70 -34.37 -2.14 -11.16
CA PRO A 70 -34.64 -3.04 -10.06
C PRO A 70 -34.78 -2.21 -8.77
N ALA A 71 -36.00 -1.78 -8.48
CA ALA A 71 -36.27 -0.98 -7.30
C ALA A 71 -37.36 -1.64 -6.51
N SER A 72 -38.59 -1.17 -6.69
CA SER A 72 -39.74 -1.74 -5.98
C SER A 72 -41.11 -1.46 -6.65
N GLU A 73 -42.08 -2.31 -6.28
CA GLU A 73 -43.52 -2.22 -6.71
C GLU A 73 -43.95 -1.60 -8.09
N GLU A 74 -43.55 -0.35 -8.34
CA GLU A 74 -44.00 0.42 -9.53
C GLU A 74 -43.80 0.09 -11.04
N GLU A 75 -44.75 -0.67 -11.59
CA GLU A 75 -44.94 -0.95 -13.08
C GLU A 75 -43.80 -1.10 -14.16
N ARG A 76 -42.53 -1.16 -13.79
CA ARG A 76 -41.50 -1.21 -14.88
C ARG A 76 -40.99 -2.49 -15.61
N ASP A 77 -41.08 -2.45 -16.95
CA ASP A 77 -40.58 -3.53 -17.85
C ASP A 77 -39.82 -2.80 -18.98
N THR A 78 -39.05 -3.54 -19.80
CA THR A 78 -38.32 -2.91 -20.90
C THR A 78 -39.25 -2.19 -21.85
N GLN A 79 -38.92 -0.94 -22.15
CA GLN A 79 -39.70 -0.14 -23.05
C GLN A 79 -38.76 0.40 -24.14
N PRO A 80 -39.08 0.10 -25.39
CA PRO A 80 -38.29 0.60 -26.51
C PRO A 80 -38.44 2.10 -26.60
N THR A 81 -37.39 2.80 -26.99
CA THR A 81 -37.48 4.26 -27.11
C THR A 81 -38.20 4.63 -28.38
N LEU A 82 -38.65 5.88 -28.42
CA LEU A 82 -39.34 6.41 -29.57
C LEU A 82 -38.43 6.21 -30.77
N SER A 83 -37.14 6.43 -30.52
CA SER A 83 -36.08 6.33 -31.50
C SER A 83 -35.94 4.89 -32.04
N PHE A 84 -36.03 3.93 -31.14
CA PHE A 84 -35.91 2.53 -31.48
C PHE A 84 -37.04 2.12 -32.41
N GLN A 85 -38.24 2.62 -32.13
CA GLN A 85 -39.40 2.31 -32.95
C GLN A 85 -39.28 3.02 -34.28
N ARG A 86 -38.66 4.19 -34.26
CA ARG A 86 -38.45 5.01 -35.42
C ARG A 86 -37.54 4.27 -36.45
N VAL A 87 -36.46 3.65 -35.95
CA VAL A 87 -35.51 2.93 -36.82
C VAL A 87 -36.18 1.73 -37.50
N LEU A 88 -36.99 0.98 -36.74
CA LEU A 88 -37.67 -0.17 -37.29
C LEU A 88 -38.68 0.26 -38.34
N GLN A 89 -39.48 1.29 -38.03
CA GLN A 89 -40.44 1.83 -39.01
C GLN A 89 -39.73 2.34 -40.27
N ARG A 90 -38.56 2.96 -40.10
CA ARG A 90 -37.79 3.45 -41.24
C ARG A 90 -37.33 2.28 -42.11
N ALA A 91 -37.00 1.16 -41.46
CA ALA A 91 -36.54 -0.01 -42.18
C ALA A 91 -37.69 -0.70 -42.92
N VAL A 92 -38.87 -0.73 -42.28
CA VAL A 92 -40.04 -1.37 -42.90
C VAL A 92 -40.55 -0.53 -44.07
N PHE A 93 -40.57 0.80 -43.90
CA PHE A 93 -41.03 1.70 -44.96
C PHE A 93 -40.15 1.64 -46.19
N HIS A 94 -38.84 1.56 -45.97
CA HIS A 94 -37.90 1.48 -47.05
C HIS A 94 -38.07 0.18 -47.81
N VAL A 95 -38.14 -0.94 -47.05
CA VAL A 95 -38.27 -2.26 -47.64
C VAL A 95 -39.52 -2.39 -48.48
N GLN A 96 -40.63 -1.90 -47.95
CA GLN A 96 -41.91 -1.98 -48.66
C GLN A 96 -41.91 -1.16 -49.90
N SER A 97 -41.20 -0.05 -49.85
CA SER A 97 -41.12 0.83 -50.98
C SER A 97 -40.14 0.32 -52.04
N SER A 98 -39.22 -0.56 -51.62
CA SER A 98 -38.17 -1.14 -52.52
C SER A 98 -38.62 -2.38 -53.24
N GLY A 99 -39.76 -2.93 -52.85
CA GLY A 99 -40.28 -4.13 -53.48
C GLY A 99 -39.74 -5.42 -52.88
N ARG A 100 -39.28 -5.35 -51.64
CA ARG A 100 -38.74 -6.53 -50.96
C ARG A 100 -39.76 -7.15 -49.99
N ASN A 101 -39.67 -8.47 -49.85
CA ASN A 101 -40.59 -9.25 -49.01
C ASN A 101 -40.54 -8.97 -47.49
N GLU A 102 -39.35 -8.97 -46.93
CA GLU A 102 -39.22 -8.79 -45.50
C GLU A 102 -38.02 -7.99 -45.12
N VAL A 103 -38.07 -7.45 -43.92
CA VAL A 103 -36.97 -6.66 -43.39
C VAL A 103 -35.88 -7.56 -42.78
N THR A 104 -34.63 -7.35 -43.23
CA THR A 104 -33.49 -8.08 -42.67
C THR A 104 -32.68 -7.13 -41.78
N GLY A 105 -31.70 -7.69 -41.07
CA GLY A 105 -30.83 -6.90 -40.20
C GLY A 105 -30.03 -5.82 -40.96
N ALA A 106 -29.55 -6.19 -42.14
CA ALA A 106 -28.79 -5.28 -42.97
C ALA A 106 -29.65 -4.04 -43.37
N ASN A 107 -30.97 -4.23 -43.50
CA ASN A 107 -31.88 -3.12 -43.79
C ASN A 107 -32.01 -2.21 -42.55
N VAL A 108 -32.02 -2.81 -41.35
CA VAL A 108 -32.10 -2.06 -40.12
C VAL A 108 -30.82 -1.30 -39.95
N LEU A 109 -29.73 -1.93 -40.33
CA LEU A 109 -28.44 -1.32 -40.28
C LEU A 109 -28.41 -0.02 -41.15
N VAL A 110 -29.03 -0.09 -42.37
CA VAL A 110 -29.13 1.10 -43.22
C VAL A 110 -30.00 2.19 -42.52
N ALA A 111 -31.05 1.76 -41.85
CA ALA A 111 -31.94 2.68 -41.16
C ALA A 111 -31.26 3.46 -39.94
N ILE A 112 -30.20 2.87 -39.35
CA ILE A 112 -29.51 3.48 -38.22
C ILE A 112 -28.75 4.73 -38.63
N PHE A 113 -28.20 4.70 -39.83
CA PHE A 113 -27.45 5.83 -40.37
C PHE A 113 -28.25 7.12 -40.34
N SER A 114 -29.57 7.02 -40.48
CA SER A 114 -30.43 8.19 -40.52
C SER A 114 -30.73 8.80 -39.15
N GLU A 115 -30.36 8.08 -38.08
CA GLU A 115 -30.45 8.63 -36.72
C GLU A 115 -29.19 9.43 -36.57
N GLN A 116 -29.24 10.67 -37.05
CA GLN A 116 -28.08 11.54 -37.11
C GLN A 116 -27.34 11.84 -35.79
N GLU A 117 -28.05 11.86 -34.67
CA GLU A 117 -27.43 12.22 -33.40
C GLU A 117 -27.11 11.03 -32.50
N SER A 118 -27.42 9.83 -32.95
CA SER A 118 -27.22 8.64 -32.14
C SER A 118 -25.76 8.24 -31.93
N GLN A 119 -25.53 7.46 -30.89
CA GLN A 119 -24.21 6.95 -30.64
C GLN A 119 -23.94 5.80 -31.58
N ALA A 120 -25.00 5.04 -31.88
CA ALA A 120 -24.87 3.91 -32.81
C ALA A 120 -24.38 4.40 -34.17
N ALA A 121 -24.95 5.51 -34.63
CA ALA A 121 -24.56 6.06 -35.91
C ALA A 121 -23.16 6.58 -35.83
N TYR A 122 -22.83 7.21 -34.69
CA TYR A 122 -21.50 7.78 -34.45
C TYR A 122 -20.39 6.71 -34.51
N LEU A 123 -20.66 5.54 -33.90
CA LEU A 123 -19.70 4.42 -33.88
C LEU A 123 -19.52 3.79 -35.28
N LEU A 124 -20.61 3.74 -36.04
CA LEU A 124 -20.54 3.22 -37.40
C LEU A 124 -19.66 4.12 -38.27
N ARG A 125 -19.75 5.42 -38.06
CA ARG A 125 -18.92 6.35 -38.78
C ARG A 125 -17.42 6.25 -38.30
N LYS A 126 -17.22 5.96 -37.00
CA LYS A 126 -15.88 5.81 -36.45
C LYS A 126 -15.19 4.59 -37.02
N HIS A 127 -15.95 3.51 -37.20
CA HIS A 127 -15.42 2.28 -37.77
C HIS A 127 -15.40 2.38 -39.28
N GLU A 128 -15.49 3.62 -39.78
CA GLU A 128 -15.48 3.93 -41.20
C GLU A 128 -16.53 3.21 -42.10
N VAL A 129 -17.70 2.94 -41.53
CA VAL A 129 -18.78 2.31 -42.28
C VAL A 129 -19.70 3.39 -42.75
N SER A 130 -19.82 3.53 -44.06
CA SER A 130 -20.70 4.52 -44.62
C SER A 130 -22.05 3.86 -44.93
N ARG A 131 -23.05 4.67 -45.17
CA ARG A 131 -24.36 4.17 -45.50
C ARG A 131 -24.31 3.51 -46.93
N LEU A 132 -23.50 4.10 -47.82
CA LEU A 132 -23.34 3.62 -49.19
C LEU A 132 -22.73 2.21 -49.24
N ASP A 133 -21.82 1.91 -48.31
CA ASP A 133 -21.20 0.61 -48.28
C ASP A 133 -22.19 -0.48 -47.98
N VAL A 134 -23.14 -0.18 -47.11
CA VAL A 134 -24.17 -1.14 -46.77
C VAL A 134 -25.19 -1.21 -47.89
N VAL A 135 -25.48 -0.07 -48.52
CA VAL A 135 -26.41 -0.05 -49.65
C VAL A 135 -25.87 -0.91 -50.80
N ASN A 136 -24.61 -0.72 -51.11
CA ASN A 136 -23.96 -1.48 -52.18
C ASN A 136 -23.80 -2.97 -51.84
N PHE A 137 -23.75 -3.29 -50.54
CA PHE A 137 -23.65 -4.67 -50.13
C PHE A 137 -24.99 -5.37 -50.31
N ILE A 138 -26.07 -4.68 -50.00
CA ILE A 138 -27.40 -5.24 -50.10
C ILE A 138 -27.86 -5.43 -51.53
N SER A 139 -27.72 -4.38 -52.32
CA SER A 139 -28.17 -4.38 -53.69
C SER A 139 -27.55 -5.46 -54.54
N HIS A 140 -26.26 -5.34 -54.76
CA HIS A 140 -25.56 -6.24 -55.63
C HIS A 140 -25.01 -7.46 -54.94
N GLY A 141 -25.81 -8.53 -54.95
CA GLY A 141 -25.42 -9.78 -54.32
C GLY A 141 -26.62 -10.62 -53.88
N THR A 142 -27.65 -10.70 -54.73
CA THR A 142 -28.83 -11.51 -54.41
C THR A 142 -28.91 -12.76 -55.26
N ARG A 168 11.60 10.26 -30.30
CA ARG A 168 11.66 8.80 -30.28
C ARG A 168 12.53 8.31 -29.13
N LEU A 169 12.30 7.08 -28.68
CA LEU A 169 12.98 6.61 -27.48
C LEU A 169 13.34 5.10 -27.43
N GLU A 170 13.94 4.71 -26.30
CA GLU A 170 14.40 3.36 -26.01
C GLU A 170 13.23 2.32 -25.79
N ASN A 171 13.19 1.71 -24.59
CA ASN A 171 12.18 0.68 -24.29
C ASN A 171 11.58 0.79 -22.88
N PHE A 172 10.25 0.97 -22.82
CA PHE A 172 9.50 1.00 -21.53
C PHE A 172 7.99 0.92 -21.82
N THR A 173 7.35 2.07 -21.81
CA THR A 173 5.92 2.19 -22.12
C THR A 173 5.75 3.51 -22.84
N THR A 174 6.62 3.73 -23.82
CA THR A 174 6.68 4.98 -24.58
C THR A 174 5.70 4.99 -25.75
N ASN A 175 5.68 6.13 -26.47
CA ASN A 175 4.80 6.35 -27.64
C ASN A 175 3.37 5.91 -27.43
N LEU A 176 2.62 6.73 -26.70
CA LEU A 176 1.24 6.44 -26.37
C LEU A 176 0.32 6.58 -27.59
N ASN A 177 0.78 7.37 -28.57
CA ASN A 177 0.05 7.55 -29.80
C ASN A 177 0.03 6.20 -30.57
N GLN A 178 1.18 5.50 -30.55
CA GLN A 178 1.31 4.20 -31.19
C GLN A 178 0.51 3.13 -30.42
N LEU A 179 0.42 3.29 -29.11
CA LEU A 179 -0.35 2.36 -28.27
C LEU A 179 -1.86 2.56 -28.44
N ALA A 180 -2.24 3.77 -28.84
CA ALA A 180 -3.63 4.09 -29.02
C ALA A 180 -4.17 3.58 -30.36
N ARG A 181 -3.32 3.61 -31.39
CA ARG A 181 -3.72 3.16 -32.74
C ARG A 181 -4.06 1.65 -32.80
N VAL A 182 -3.40 0.87 -31.95
CA VAL A 182 -3.66 -0.56 -31.86
C VAL A 182 -4.74 -0.77 -30.77
N GLY A 183 -4.31 -1.23 -29.59
CA GLY A 183 -5.24 -1.44 -28.49
C GLY A 183 -4.56 -1.60 -27.13
N GLY A 184 -3.42 -0.92 -26.95
CA GLY A 184 -2.66 -1.02 -25.71
C GLY A 184 -3.19 -0.19 -24.56
N ILE A 185 -3.86 0.90 -24.89
CA ILE A 185 -4.39 1.81 -23.87
C ILE A 185 -5.85 1.54 -23.60
N ASP A 186 -6.16 1.24 -22.34
CA ASP A 186 -7.54 1.00 -21.94
C ASP A 186 -8.27 2.37 -22.02
N PRO A 187 -9.52 2.36 -22.50
CA PRO A 187 -10.30 3.59 -22.75
C PRO A 187 -10.44 4.53 -21.55
N LEU A 188 -10.56 5.83 -21.84
CA LEU A 188 -10.74 6.86 -20.79
C LEU A 188 -12.20 7.31 -20.74
N ILE A 189 -12.84 7.08 -19.59
CA ILE A 189 -14.25 7.40 -19.41
C ILE A 189 -14.47 8.71 -18.63
N GLY A 190 -15.23 9.62 -19.23
CA GLY A 190 -15.53 10.88 -18.62
C GLY A 190 -14.32 11.78 -18.59
N ARG A 191 -14.27 12.61 -17.56
CA ARG A 191 -13.17 13.56 -17.36
C ARG A 191 -12.91 14.52 -18.49
N GLU A 192 -13.99 15.06 -19.06
CA GLU A 192 -13.88 16.02 -20.16
C GLU A 192 -13.25 17.32 -19.70
N LYS A 193 -13.68 17.81 -18.51
CA LYS A 193 -13.16 19.05 -17.94
C LYS A 193 -11.65 19.00 -17.76
N GLU A 194 -11.14 17.86 -17.33
CA GLU A 194 -9.71 17.68 -17.13
C GLU A 194 -8.90 17.61 -18.43
N LEU A 195 -9.44 16.94 -19.44
CA LEU A 195 -8.77 16.85 -20.74
C LEU A 195 -8.80 18.20 -21.40
N GLU A 196 -9.96 18.86 -21.30
CA GLU A 196 -10.15 20.17 -21.89
C GLU A 196 -9.12 21.14 -21.29
N ARG A 197 -8.98 21.10 -19.96
CA ARG A 197 -8.03 21.95 -19.25
C ARG A 197 -6.60 21.66 -19.67
N ALA A 198 -6.30 20.38 -19.93
CA ALA A 198 -4.94 19.98 -20.34
C ALA A 198 -4.65 20.45 -21.74
N ILE A 199 -5.63 20.35 -22.62
CA ILE A 199 -5.46 20.77 -23.99
C ILE A 199 -5.28 22.28 -24.06
N GLN A 200 -6.06 22.98 -23.25
CA GLN A 200 -5.98 24.41 -23.20
C GLN A 200 -4.63 24.86 -22.64
N VAL A 201 -4.13 24.14 -21.64
CA VAL A 201 -2.84 24.46 -21.07
C VAL A 201 -1.78 24.29 -22.13
N LEU A 202 -1.79 23.14 -22.82
CA LEU A 202 -0.82 22.85 -23.88
C LEU A 202 -0.90 23.84 -25.05
N CYS A 203 -2.06 24.48 -25.20
CA CYS A 203 -2.25 25.44 -26.30
C CYS A 203 -1.76 26.87 -25.97
N ARG A 204 -1.36 27.10 -24.74
CA ARG A 204 -0.90 28.45 -24.31
C ARG A 204 0.45 28.85 -24.97
N ARG A 205 0.74 30.14 -24.99
CA ARG A 205 2.01 30.59 -25.53
C ARG A 205 3.12 30.32 -24.51
N ARG A 206 2.85 30.68 -23.26
CA ARG A 206 3.80 30.43 -22.16
C ARG A 206 3.14 29.58 -21.07
N LYS A 207 3.96 28.92 -20.23
CA LYS A 207 3.46 28.01 -19.15
C LYS A 207 2.58 26.97 -19.76
N ASN A 208 3.13 26.37 -20.83
CA ASN A 208 2.49 25.34 -21.71
C ASN A 208 2.48 23.92 -21.15
N ASN A 209 2.98 23.72 -19.96
CA ASN A 209 3.16 22.38 -19.45
C ASN A 209 2.22 21.95 -18.38
N PRO A 210 1.26 21.08 -18.74
CA PRO A 210 0.29 20.57 -17.78
C PRO A 210 0.96 19.77 -16.70
N LEU A 211 0.48 19.89 -15.47
CA LEU A 211 1.02 19.11 -14.35
C LEU A 211 -0.16 18.52 -13.64
N LEU A 212 -0.39 17.22 -13.87
CA LEU A 212 -1.50 16.52 -13.27
C LEU A 212 -1.18 16.22 -11.84
N VAL A 213 -1.96 16.84 -10.94
CA VAL A 213 -1.75 16.67 -9.49
C VAL A 213 -2.93 15.98 -8.83
N GLY A 214 -2.67 14.83 -8.22
CA GLY A 214 -3.72 14.04 -7.59
C GLY A 214 -3.15 12.83 -6.89
N GLU A 215 -3.96 12.21 -6.05
CA GLU A 215 -3.54 11.05 -5.30
C GLU A 215 -3.29 9.86 -6.23
N SER A 216 -2.68 8.82 -5.71
CA SER A 216 -2.42 7.64 -6.50
C SER A 216 -3.70 6.87 -6.71
N GLY A 217 -3.95 6.48 -7.96
CA GLY A 217 -5.11 5.68 -8.27
C GLY A 217 -6.22 6.49 -8.82
N VAL A 218 -6.07 7.79 -8.72
CA VAL A 218 -7.05 8.75 -9.15
C VAL A 218 -7.25 8.81 -10.70
N GLY A 219 -6.22 8.46 -11.47
CA GLY A 219 -6.33 8.46 -12.90
C GLY A 219 -5.48 9.50 -13.67
N LYS A 220 -4.29 9.80 -13.18
CA LYS A 220 -3.43 10.76 -13.83
C LYS A 220 -2.78 10.19 -15.09
N THR A 221 -2.20 8.98 -15.00
CA THR A 221 -1.60 8.32 -16.17
C THR A 221 -2.68 8.11 -17.19
N ALA A 222 -3.90 7.77 -16.70
CA ALA A 222 -5.07 7.53 -17.57
C ALA A 222 -5.44 8.75 -18.42
N ILE A 223 -5.27 9.93 -17.86
CA ILE A 223 -5.59 11.14 -18.57
C ILE A 223 -4.57 11.43 -19.65
N ALA A 224 -3.29 11.20 -19.34
CA ALA A 224 -2.23 11.40 -20.30
C ALA A 224 -2.40 10.45 -21.45
N GLU A 225 -2.66 9.19 -21.13
CA GLU A 225 -2.86 8.16 -22.11
C GLU A 225 -4.12 8.41 -22.90
N GLY A 226 -5.15 8.90 -22.22
CA GLY A 226 -6.41 9.21 -22.85
C GLY A 226 -6.29 10.39 -23.81
N LEU A 227 -5.35 11.27 -23.56
CA LEU A 227 -5.15 12.41 -24.44
C LEU A 227 -4.59 11.93 -25.79
N ALA A 228 -3.67 10.96 -25.72
CA ALA A 228 -3.05 10.40 -26.91
C ALA A 228 -4.10 9.79 -27.85
N TRP A 229 -5.17 9.24 -27.27
CA TRP A 229 -6.25 8.66 -28.06
C TRP A 229 -7.05 9.76 -28.76
N ARG A 230 -7.31 10.86 -28.06
CA ARG A 230 -8.06 11.95 -28.64
C ARG A 230 -7.33 12.63 -29.82
N ILE A 231 -5.99 12.51 -29.82
CA ILE A 231 -5.19 13.08 -30.89
C ILE A 231 -5.34 12.22 -32.16
N VAL A 232 -5.43 10.92 -31.95
CA VAL A 232 -5.58 9.98 -33.04
C VAL A 232 -6.99 10.09 -33.65
N GLN A 233 -7.98 10.19 -32.78
CA GLN A 233 -9.37 10.27 -33.21
C GLN A 233 -9.78 11.62 -33.84
N GLY A 234 -8.86 12.60 -33.82
CA GLY A 234 -9.13 13.91 -34.37
C GLY A 234 -10.10 14.72 -33.51
N ASP A 235 -10.17 14.35 -32.22
CA ASP A 235 -11.05 15.02 -31.26
C ASP A 235 -10.18 15.92 -30.38
N VAL A 236 -9.40 16.81 -31.02
CA VAL A 236 -8.44 17.72 -30.36
C VAL A 236 -7.87 18.61 -31.51
N PRO A 237 -8.75 18.96 -32.43
CA PRO A 237 -8.40 19.45 -33.78
C PRO A 237 -7.40 20.57 -34.08
N GLU A 238 -7.40 20.88 -35.38
CA GLU A 238 -6.61 21.91 -36.06
C GLU A 238 -5.10 22.12 -35.86
N VAL A 239 -4.67 22.48 -34.67
CA VAL A 239 -3.25 22.76 -34.44
C VAL A 239 -2.55 21.70 -33.60
N MET A 240 -3.31 20.79 -33.04
CA MET A 240 -2.77 19.75 -32.22
C MET A 240 -2.96 18.40 -32.93
N ALA A 241 -3.01 18.43 -34.26
CA ALA A 241 -3.21 17.22 -35.05
C ALA A 241 -1.91 16.45 -35.22
N ASP A 242 -0.80 17.18 -35.41
CA ASP A 242 0.52 16.58 -35.62
C ASP A 242 1.22 16.24 -34.31
N CYS A 243 0.47 16.10 -33.24
CA CYS A 243 1.04 15.84 -31.94
C CYS A 243 1.21 14.41 -31.57
N THR A 244 2.33 14.12 -30.91
CA THR A 244 2.64 12.79 -30.46
C THR A 244 3.17 12.82 -29.03
N ILE A 245 2.61 11.97 -28.18
CA ILE A 245 2.97 11.93 -26.78
C ILE A 245 3.90 10.76 -26.43
N TYR A 246 5.19 11.06 -26.27
CA TYR A 246 6.18 10.06 -25.90
C TYR A 246 6.26 10.01 -24.38
N SER A 247 6.09 8.83 -23.80
CA SER A 247 6.13 8.69 -22.35
C SER A 247 7.50 8.26 -21.78
N LEU A 248 8.06 9.09 -20.90
CA LEU A 248 9.36 8.81 -20.30
C LEU A 248 9.23 7.78 -19.17
N ASP A 249 10.37 7.39 -18.62
CA ASP A 249 10.43 6.33 -17.63
C ASP A 249 10.78 6.83 -16.25
N ILE A 250 9.88 6.58 -15.30
CA ILE A 250 10.07 7.02 -13.92
C ILE A 250 9.47 6.01 -12.94
N GLY A 251 8.16 6.07 -12.79
CA GLY A 251 7.44 5.20 -11.90
C GLY A 251 6.06 4.88 -12.43
N ALA A 255 12.64 8.22 -6.63
CA ALA A 255 12.93 9.51 -6.02
C ALA A 255 14.42 9.81 -6.06
N GLY A 256 14.98 9.83 -7.26
CA GLY A 256 16.41 10.07 -7.45
C GLY A 256 16.94 9.09 -8.47
N THR A 257 17.23 9.57 -9.67
CA THR A 257 17.67 8.70 -10.74
C THR A 257 19.13 8.78 -11.19
N LYS A 258 19.97 7.91 -10.62
CA LYS A 258 21.39 7.82 -11.00
C LYS A 258 22.00 6.51 -10.51
N TYR A 259 21.89 5.48 -11.33
CA TYR A 259 22.48 4.18 -11.00
C TYR A 259 23.70 3.92 -11.86
N ARG A 260 23.50 3.89 -13.17
CA ARG A 260 24.59 3.64 -14.11
C ARG A 260 24.14 4.03 -15.53
N GLY A 261 25.00 4.72 -16.27
CA GLY A 261 24.68 5.12 -17.64
C GLY A 261 24.83 6.61 -17.92
N ASP A 262 25.09 7.39 -16.86
CA ASP A 262 25.23 8.85 -16.94
C ASP A 262 23.99 9.55 -17.50
N PHE A 263 23.09 9.90 -16.59
CA PHE A 263 21.80 10.56 -16.91
C PHE A 263 21.96 11.83 -17.77
N GLU A 264 23.07 12.53 -17.57
CA GLU A 264 23.33 13.81 -18.26
C GLU A 264 23.48 13.75 -19.80
N LYS A 265 24.16 12.73 -20.30
CA LYS A 265 24.39 12.62 -21.76
C LYS A 265 23.33 11.87 -22.56
N ARG A 266 22.52 11.05 -21.89
CA ARG A 266 21.45 10.32 -22.57
C ARG A 266 20.24 11.24 -22.75
N PHE A 267 19.99 12.06 -21.73
CA PHE A 267 18.88 12.98 -21.73
C PHE A 267 19.08 14.10 -22.70
N LYS A 268 20.30 14.61 -22.76
CA LYS A 268 20.65 15.71 -23.66
C LYS A 268 20.45 15.26 -25.09
N ALA A 269 20.76 14.00 -25.36
CA ALA A 269 20.61 13.43 -26.69
C ALA A 269 19.13 13.18 -27.01
N LEU A 270 18.34 12.89 -25.98
CA LEU A 270 16.90 12.63 -26.14
C LEU A 270 16.10 13.89 -26.47
N LEU A 271 16.31 14.94 -25.67
CA LEU A 271 15.61 16.21 -25.87
C LEU A 271 15.95 16.86 -27.20
N LYS A 272 17.17 16.61 -27.67
CA LYS A 272 17.61 17.15 -28.94
C LYS A 272 17.03 16.31 -30.09
N GLN A 273 16.76 15.04 -29.81
CA GLN A 273 16.18 14.16 -30.82
C GLN A 273 14.68 14.41 -30.88
N LEU A 274 14.13 14.90 -29.76
CA LEU A 274 12.71 15.28 -29.67
C LEU A 274 12.51 16.62 -30.35
N GLU A 275 13.62 17.23 -30.75
CA GLU A 275 13.58 18.53 -31.36
C GLU A 275 14.28 18.60 -32.71
N GLN A 276 13.49 18.51 -33.77
CA GLN A 276 13.99 18.65 -35.12
C GLN A 276 13.04 19.66 -35.70
N ASP A 277 12.21 20.22 -34.80
CA ASP A 277 11.12 21.14 -35.10
C ASP A 277 9.86 20.34 -35.29
N THR A 278 9.23 19.99 -34.17
CA THR A 278 8.02 19.17 -34.18
C THR A 278 7.08 19.60 -33.07
N ASN A 279 5.85 19.12 -33.13
CA ASN A 279 4.90 19.38 -32.10
C ASN A 279 4.83 18.10 -31.26
N SER A 280 5.92 17.86 -30.51
CA SER A 280 6.07 16.67 -29.72
C SER A 280 5.93 16.97 -28.26
N ILE A 281 5.04 16.22 -27.60
CA ILE A 281 4.80 16.39 -26.19
C ILE A 281 5.42 15.25 -25.43
N LEU A 282 6.07 15.54 -24.31
CA LEU A 282 6.74 14.52 -23.52
C LEU A 282 6.08 14.30 -22.18
N PHE A 283 5.44 13.16 -22.03
CA PHE A 283 4.81 12.84 -20.78
C PHE A 283 5.82 12.24 -19.80
N ILE A 284 6.03 12.93 -18.68
CA ILE A 284 6.93 12.45 -17.65
C ILE A 284 6.11 12.05 -16.42
N ASP A 285 5.70 10.78 -16.38
CA ASP A 285 4.91 10.25 -15.27
C ASP A 285 5.72 10.26 -14.01
N GLU A 286 5.08 10.62 -12.91
CA GLU A 286 5.74 10.72 -11.60
C GLU A 286 7.02 11.57 -11.73
N ILE A 287 6.81 12.82 -12.15
CA ILE A 287 7.89 13.78 -12.43
C ILE A 287 8.77 14.18 -11.22
N HIS A 288 8.34 13.82 -10.01
CA HIS A 288 9.10 14.17 -8.78
C HIS A 288 10.38 13.34 -8.59
N THR A 289 10.56 12.34 -9.45
CA THR A 289 11.74 11.47 -9.37
C THR A 289 12.97 12.19 -9.89
N ILE A 290 12.86 12.75 -11.09
CA ILE A 290 13.97 13.49 -11.68
C ILE A 290 14.20 14.80 -10.96
N ILE A 291 13.19 15.66 -10.98
CA ILE A 291 13.30 16.97 -10.36
C ILE A 291 12.67 17.05 -8.98
N GLY A 292 13.11 18.04 -8.20
CA GLY A 292 12.57 18.28 -6.88
C GLY A 292 13.21 17.49 -5.74
N ALA A 293 13.38 16.19 -5.93
CA ALA A 293 13.95 15.31 -4.90
C ALA A 293 15.46 15.47 -4.69
N GLY A 294 16.14 16.13 -5.64
CA GLY A 294 17.58 16.32 -5.54
C GLY A 294 18.36 15.07 -5.95
N ALA A 295 18.97 15.11 -7.13
CA ALA A 295 19.73 13.96 -7.64
C ALA A 295 21.17 13.98 -7.11
N ALA A 296 22.00 13.08 -7.63
CA ALA A 296 23.39 12.98 -7.21
C ALA A 296 24.32 13.80 -8.12
N SER A 297 24.27 13.53 -9.42
CA SER A 297 25.09 14.27 -10.39
C SER A 297 24.29 15.43 -11.00
N GLY A 298 24.80 16.00 -12.08
CA GLY A 298 24.13 17.10 -12.75
C GLY A 298 23.04 16.62 -13.70
N GLY A 299 22.90 17.30 -14.84
CA GLY A 299 21.90 16.93 -15.83
C GLY A 299 20.45 17.14 -15.37
N GLN A 300 19.85 16.07 -14.84
CA GLN A 300 18.44 16.06 -14.33
C GLN A 300 17.56 17.34 -14.51
N VAL A 301 17.33 18.05 -13.40
CA VAL A 301 16.53 19.29 -13.41
C VAL A 301 17.15 20.34 -14.28
N ASP A 302 18.47 20.47 -14.15
CA ASP A 302 19.26 21.46 -14.87
C ASP A 302 19.11 21.37 -16.40
N ALA A 303 18.87 20.17 -16.93
CA ALA A 303 18.71 19.97 -18.37
C ALA A 303 17.25 20.07 -18.78
N ALA A 304 16.34 19.82 -17.83
CA ALA A 304 14.91 19.88 -18.11
C ALA A 304 14.40 21.30 -17.97
N ASN A 305 15.15 22.12 -17.26
CA ASN A 305 14.80 23.52 -17.09
C ASN A 305 15.28 24.31 -18.32
N LEU A 306 16.29 23.76 -19.01
CA LEU A 306 16.89 24.34 -20.21
C LEU A 306 15.93 24.57 -21.37
N ILE A 307 15.32 23.49 -21.86
CA ILE A 307 14.46 23.53 -23.04
C ILE A 307 13.06 24.12 -22.87
N LYS A 308 12.69 24.49 -21.65
CA LYS A 308 11.36 25.05 -21.40
C LYS A 308 10.95 26.44 -21.98
N PRO A 309 11.90 27.38 -22.10
CA PRO A 309 11.65 28.64 -22.78
C PRO A 309 12.26 28.59 -24.19
N LEU A 310 13.47 29.10 -24.34
CA LEU A 310 14.20 29.05 -25.63
C LEU A 310 15.72 29.10 -25.45
N LEU A 311 16.33 27.93 -25.39
CA LEU A 311 17.78 27.82 -25.27
C LEU A 311 18.35 26.97 -26.41
N SER A 312 17.61 26.95 -27.51
CA SER A 312 17.98 26.23 -28.73
C SER A 312 17.10 26.74 -29.89
N SER A 313 17.09 26.01 -31.01
CA SER A 313 16.26 26.37 -32.15
C SER A 313 15.01 25.47 -32.16
N GLY A 314 14.24 25.57 -31.07
CA GLY A 314 13.04 24.77 -30.91
C GLY A 314 12.55 24.79 -29.46
N LYS A 315 11.44 24.10 -29.19
CA LYS A 315 10.85 24.06 -27.84
C LYS A 315 10.07 22.79 -27.66
N ILE A 316 9.96 22.33 -26.40
CA ILE A 316 9.21 21.12 -26.09
C ILE A 316 8.16 21.40 -25.05
N ARG A 317 7.14 20.56 -25.03
CA ARG A 317 6.08 20.65 -24.04
C ARG A 317 6.11 19.38 -23.21
N VAL A 318 5.88 19.52 -21.92
CA VAL A 318 5.94 18.39 -21.01
C VAL A 318 4.66 18.24 -20.17
N ILE A 319 4.16 17.02 -20.08
CA ILE A 319 3.02 16.73 -19.21
C ILE A 319 3.64 16.03 -18.04
N GLY A 320 3.43 16.56 -16.84
CA GLY A 320 3.98 15.96 -15.65
C GLY A 320 2.89 15.34 -14.81
N SER A 321 3.29 14.46 -13.90
CA SER A 321 2.35 13.82 -13.01
C SER A 321 2.95 13.69 -11.64
N THR A 322 2.24 14.15 -10.64
CA THR A 322 2.74 14.10 -9.31
C THR A 322 1.59 14.07 -8.35
N THR A 323 1.89 13.88 -7.05
CA THR A 323 0.87 13.85 -6.03
C THR A 323 0.73 15.24 -5.35
N TYR A 324 -0.34 15.40 -4.55
CA TYR A 324 -0.66 16.68 -3.82
C TYR A 324 0.49 17.20 -3.00
N GLN A 325 1.10 16.33 -2.26
CA GLN A 325 2.14 16.74 -1.39
C GLN A 325 3.46 16.95 -2.04
N GLU A 326 3.77 16.11 -3.03
CA GLU A 326 5.03 16.24 -3.71
C GLU A 326 5.06 17.43 -4.62
N PHE A 327 3.89 18.02 -4.85
CA PHE A 327 3.77 19.25 -5.59
C PHE A 327 3.93 20.41 -4.59
N SER A 328 3.28 20.26 -3.42
CA SER A 328 3.27 21.29 -2.38
C SER A 328 4.64 21.75 -1.89
N ASN A 329 5.42 20.84 -1.35
CA ASN A 329 6.70 21.21 -0.76
C ASN A 329 7.94 21.03 -1.63
N ILE A 330 8.14 19.84 -2.14
CA ILE A 330 9.33 19.55 -2.94
C ILE A 330 9.35 20.23 -4.33
N PHE A 331 8.17 20.57 -4.83
CA PHE A 331 8.05 21.18 -6.13
C PHE A 331 7.85 22.71 -6.03
N GLU A 332 6.82 23.15 -5.32
CA GLU A 332 6.48 24.59 -5.22
C GLU A 332 7.35 25.44 -4.26
N LYS A 333 7.64 24.93 -3.07
CA LYS A 333 8.43 25.70 -2.09
C LYS A 333 9.94 25.58 -2.31
N ASP A 334 10.39 24.37 -2.62
CA ASP A 334 11.81 24.12 -2.90
C ASP A 334 12.17 24.74 -4.25
N ARG A 335 11.19 24.70 -5.17
CA ARG A 335 11.31 25.27 -6.53
C ARG A 335 12.39 24.68 -7.42
N ALA A 336 11.95 23.87 -8.37
CA ALA A 336 12.84 23.25 -9.32
C ALA A 336 12.41 23.64 -10.74
N LEU A 337 11.08 23.85 -10.91
CA LEU A 337 10.47 24.20 -12.22
C LEU A 337 9.02 24.71 -12.05
N ALA A 338 8.49 24.53 -10.83
CA ALA A 338 7.07 24.86 -10.47
C ALA A 338 6.28 25.91 -11.25
N ARG A 339 6.89 27.06 -11.48
CA ARG A 339 6.21 28.16 -12.15
C ARG A 339 5.93 27.93 -13.61
N ARG A 340 6.83 27.17 -14.27
CA ARG A 340 6.69 26.86 -15.72
C ARG A 340 5.60 25.84 -16.01
N PHE A 341 5.10 25.19 -14.97
CA PHE A 341 4.09 24.21 -15.12
C PHE A 341 2.75 24.76 -14.69
N GLN A 342 1.70 24.28 -15.31
CA GLN A 342 0.36 24.67 -14.95
C GLN A 342 -0.28 23.52 -14.23
N LYS A 343 -0.74 23.78 -13.01
CA LYS A 343 -1.35 22.76 -12.23
C LYS A 343 -2.80 22.49 -12.56
N ILE A 344 -3.11 21.21 -12.78
CA ILE A 344 -4.47 20.79 -12.99
C ILE A 344 -4.80 19.78 -11.89
N ASP A 345 -5.72 20.16 -11.02
CA ASP A 345 -6.16 19.30 -9.93
C ASP A 345 -6.94 18.12 -10.49
N ILE A 346 -6.50 16.90 -10.20
CA ILE A 346 -7.24 15.72 -10.64
C ILE A 346 -7.86 15.09 -9.42
N THR A 347 -9.13 15.36 -9.23
CA THR A 347 -9.81 14.89 -8.04
C THR A 347 -10.19 13.43 -8.11
N GLU A 348 -10.55 12.88 -6.98
CA GLU A 348 -11.03 11.55 -6.93
C GLU A 348 -12.46 11.60 -7.46
N PRO A 349 -12.77 10.71 -8.38
CA PRO A 349 -14.11 10.63 -8.94
C PRO A 349 -15.05 10.22 -7.88
N SER A 350 -16.26 10.72 -7.94
CA SER A 350 -17.24 10.34 -6.95
C SER A 350 -17.79 8.92 -7.16
N ILE A 351 -18.68 8.52 -6.29
CA ILE A 351 -19.24 7.22 -6.36
C ILE A 351 -19.91 6.92 -7.69
N GLU A 352 -20.83 7.79 -8.13
CA GLU A 352 -21.54 7.58 -9.38
C GLU A 352 -20.71 7.76 -10.61
N GLU A 353 -19.70 8.61 -10.54
CA GLU A 353 -18.82 8.77 -11.66
C GLU A 353 -17.94 7.52 -11.78
N THR A 354 -17.62 6.90 -10.62
CA THR A 354 -16.83 5.66 -10.58
C THR A 354 -17.68 4.48 -11.03
N VAL A 355 -18.99 4.54 -10.72
CA VAL A 355 -19.92 3.52 -11.18
C VAL A 355 -19.98 3.57 -12.73
N GLN A 356 -19.98 4.79 -13.28
CA GLN A 356 -19.96 4.95 -14.75
C GLN A 356 -18.64 4.45 -15.33
N ILE A 357 -17.53 4.70 -14.63
CA ILE A 357 -16.23 4.23 -15.08
C ILE A 357 -16.21 2.72 -15.10
N ILE A 358 -16.68 2.08 -14.01
CA ILE A 358 -16.73 0.61 -13.93
C ILE A 358 -17.66 0.04 -14.99
N ASN A 359 -18.82 0.68 -15.16
CA ASN A 359 -19.80 0.27 -16.18
C ASN A 359 -19.22 0.35 -17.59
N GLY A 360 -18.30 1.27 -17.79
CA GLY A 360 -17.67 1.44 -19.08
C GLY A 360 -16.55 0.43 -19.33
N LEU A 361 -16.03 -0.17 -18.25
CA LEU A 361 -14.96 -1.16 -18.37
C LEU A 361 -15.50 -2.57 -18.14
N LYS A 362 -16.65 -2.65 -17.53
CA LYS A 362 -17.27 -3.91 -17.22
C LYS A 362 -17.33 -4.99 -18.40
N PRO A 363 -17.76 -4.61 -19.62
CA PRO A 363 -17.86 -5.60 -20.70
C PRO A 363 -16.51 -6.34 -21.01
N LYS A 364 -15.40 -5.60 -21.01
CA LYS A 364 -14.08 -6.17 -21.27
C LYS A 364 -13.65 -7.08 -20.11
N TYR A 365 -14.16 -6.79 -18.91
CA TYR A 365 -13.85 -7.59 -17.75
C TYR A 365 -14.69 -8.80 -17.72
N GLU A 366 -15.91 -8.66 -18.21
CA GLU A 366 -16.84 -9.75 -18.28
C GLU A 366 -16.42 -10.72 -19.37
N ALA A 367 -15.93 -10.18 -20.51
CA ALA A 367 -15.46 -11.02 -21.61
C ALA A 367 -14.26 -11.85 -21.13
N HIS A 368 -13.33 -11.20 -20.46
CA HIS A 368 -12.15 -11.86 -19.94
C HIS A 368 -12.45 -12.94 -18.82
N HIS A 369 -13.32 -12.60 -17.86
CA HIS A 369 -13.63 -13.53 -16.76
C HIS A 369 -14.76 -14.52 -17.08
N ASP A 370 -15.43 -14.32 -18.21
CA ASP A 370 -16.55 -15.19 -18.62
C ASP A 370 -17.53 -15.22 -17.47
N VAL A 371 -18.07 -14.07 -17.16
CA VAL A 371 -18.90 -13.92 -16.03
C VAL A 371 -19.71 -12.62 -16.20
N ARG A 372 -20.80 -12.48 -15.48
CA ARG A 372 -21.59 -11.23 -15.55
C ARG A 372 -21.75 -10.58 -14.17
N TYR A 373 -21.32 -9.32 -14.03
CA TYR A 373 -21.48 -8.57 -12.74
C TYR A 373 -22.87 -7.86 -12.74
N THR A 374 -23.59 -7.96 -11.64
CA THR A 374 -24.89 -7.30 -11.53
C THR A 374 -24.66 -5.85 -11.25
N ALA A 375 -25.64 -5.03 -11.59
CA ALA A 375 -25.54 -3.60 -11.35
C ALA A 375 -25.38 -3.32 -9.83
N LYS A 376 -25.91 -4.21 -9.00
CA LYS A 376 -25.82 -4.07 -7.55
C LYS A 376 -24.39 -4.36 -7.04
N ALA A 377 -23.67 -5.24 -7.74
CA ALA A 377 -22.30 -5.60 -7.39
C ALA A 377 -21.35 -4.50 -7.78
N VAL A 378 -21.65 -3.85 -8.89
CA VAL A 378 -20.87 -2.75 -9.38
C VAL A 378 -20.93 -1.61 -8.37
N ARG A 379 -22.14 -1.22 -7.98
CA ARG A 379 -22.32 -0.15 -7.02
C ARG A 379 -21.62 -0.52 -5.71
N ALA A 380 -21.73 -1.80 -5.33
CA ALA A 380 -21.10 -2.32 -4.10
C ALA A 380 -19.59 -2.26 -4.15
N ALA A 381 -18.99 -2.58 -5.31
CA ALA A 381 -17.53 -2.52 -5.46
C ALA A 381 -17.06 -1.15 -5.14
N VAL A 382 -17.76 -0.17 -5.70
CA VAL A 382 -17.43 1.21 -5.49
C VAL A 382 -17.69 1.66 -4.04
N GLU A 383 -18.92 1.49 -3.56
CA GLU A 383 -19.31 1.92 -2.22
C GLU A 383 -18.56 1.21 -1.05
N LEU A 384 -18.33 -0.09 -1.17
CA LEU A 384 -17.59 -0.81 -0.14
C LEU A 384 -16.09 -0.42 -0.11
N ALA A 385 -15.50 -0.15 -1.28
CA ALA A 385 -14.07 0.27 -1.35
C ALA A 385 -13.87 1.67 -0.75
N VAL A 386 -14.90 2.53 -0.89
CA VAL A 386 -14.87 3.88 -0.32
C VAL A 386 -14.89 3.81 1.20
N LYS A 387 -15.75 2.92 1.74
CA LYS A 387 -15.89 2.77 3.18
C LYS A 387 -14.73 2.05 3.83
N TYR A 388 -14.28 0.94 3.22
CA TYR A 388 -13.27 0.07 3.84
C TYR A 388 -11.81 0.08 3.33
N ILE A 389 -11.59 0.51 2.10
CA ILE A 389 -10.23 0.57 1.56
C ILE A 389 -9.78 2.05 1.54
N ASN A 390 -9.56 2.59 2.74
CA ASN A 390 -9.22 4.01 2.97
C ASN A 390 -7.80 4.44 2.54
N ASP A 391 -6.89 3.47 2.49
CA ASP A 391 -5.51 3.70 2.09
C ASP A 391 -5.39 4.00 0.57
N ARG A 392 -6.44 3.67 -0.19
CA ARG A 392 -6.43 3.85 -1.64
C ARG A 392 -7.56 4.76 -2.14
N HIS A 393 -7.57 5.01 -3.45
CA HIS A 393 -8.53 5.96 -4.03
C HIS A 393 -9.40 5.47 -5.23
N LEU A 394 -10.60 6.10 -5.33
CA LEU A 394 -11.61 5.87 -6.42
C LEU A 394 -11.63 4.85 -7.40
N PRO A 395 -11.22 5.20 -8.60
CA PRO A 395 -11.32 4.28 -9.74
C PRO A 395 -10.54 3.06 -9.42
N ASP A 396 -9.24 3.25 -9.26
CA ASP A 396 -8.28 2.19 -9.02
C ASP A 396 -8.70 1.02 -8.09
N LYS A 397 -9.11 1.35 -6.88
CA LYS A 397 -9.49 0.32 -5.90
C LYS A 397 -10.79 -0.40 -6.23
N ALA A 398 -11.69 0.30 -6.91
CA ALA A 398 -12.97 -0.26 -7.31
C ALA A 398 -12.75 -1.26 -8.48
N ILE A 399 -11.86 -0.85 -9.43
CA ILE A 399 -11.49 -1.65 -10.58
C ILE A 399 -10.77 -2.91 -10.15
N ASP A 400 -9.89 -2.80 -9.11
CA ASP A 400 -9.14 -3.97 -8.59
C ASP A 400 -10.08 -4.99 -7.91
N VAL A 401 -11.12 -4.50 -7.23
CA VAL A 401 -12.12 -5.37 -6.56
C VAL A 401 -12.93 -6.14 -7.62
N ILE A 402 -13.31 -5.42 -8.69
CA ILE A 402 -14.05 -5.98 -9.81
C ILE A 402 -13.22 -7.05 -10.57
N ASP A 403 -11.95 -6.75 -10.79
CA ASP A 403 -11.09 -7.67 -11.49
C ASP A 403 -10.88 -8.93 -10.61
N GLU A 404 -10.56 -8.68 -9.33
CA GLU A 404 -10.31 -9.73 -8.34
C GLU A 404 -11.52 -10.67 -8.16
N ALA A 405 -12.74 -10.08 -8.13
CA ALA A 405 -13.99 -10.85 -7.96
C ALA A 405 -14.27 -11.77 -9.13
N GLY A 406 -13.95 -11.31 -10.33
CA GLY A 406 -14.16 -12.09 -11.54
C GLY A 406 -13.16 -13.22 -11.63
N ALA A 407 -11.95 -12.96 -11.18
CA ALA A 407 -10.91 -13.97 -11.20
C ALA A 407 -11.22 -15.05 -10.18
N ARG A 408 -11.82 -14.61 -9.07
CA ARG A 408 -12.18 -15.48 -7.96
C ARG A 408 -13.15 -16.60 -8.41
N ALA A 409 -14.01 -16.29 -9.39
CA ALA A 409 -15.00 -17.25 -9.93
C ALA A 409 -14.32 -18.45 -10.54
N ARG A 410 -13.16 -18.23 -11.19
CA ARG A 410 -12.39 -19.33 -11.80
C ARG A 410 -12.03 -20.39 -10.78
N LEU A 411 -11.75 -19.96 -9.55
CA LEU A 411 -11.35 -20.89 -8.49
C LEU A 411 -12.38 -21.90 -8.12
N MET A 412 -13.60 -21.65 -8.54
CA MET A 412 -14.67 -22.61 -8.40
C MET A 412 -14.62 -23.21 -9.78
N PRO A 413 -13.79 -24.26 -9.93
CA PRO A 413 -13.42 -24.83 -11.23
C PRO A 413 -13.86 -24.13 -12.54
N VAL A 414 -15.16 -23.98 -12.76
CA VAL A 414 -15.68 -23.35 -13.97
C VAL A 414 -15.45 -21.82 -13.97
N SER A 415 -16.40 -21.12 -13.36
CA SER A 415 -16.45 -19.65 -13.28
C SER A 415 -17.91 -19.42 -13.25
N LYS A 416 -18.51 -19.63 -12.08
CA LYS A 416 -19.94 -19.59 -11.96
C LYS A 416 -20.71 -18.33 -12.35
N ARG A 417 -20.98 -18.24 -13.64
CA ARG A 417 -21.77 -17.19 -14.28
C ARG A 417 -22.08 -15.85 -13.51
N LYS A 418 -22.74 -15.97 -12.34
CA LYS A 418 -23.22 -14.82 -11.52
C LYS A 418 -24.56 -14.29 -12.07
N LYS A 419 -25.69 -14.80 -11.54
CA LYS A 419 -27.08 -14.38 -11.97
C LYS A 419 -27.34 -12.90 -11.62
N THR A 420 -28.28 -12.68 -10.72
CA THR A 420 -28.56 -11.34 -10.26
C THR A 420 -28.33 -11.28 -8.76
N VAL A 421 -27.03 -11.28 -8.40
CA VAL A 421 -26.58 -11.25 -7.05
C VAL A 421 -25.08 -11.50 -7.02
N ASN A 422 -24.33 -10.53 -6.53
CA ASN A 422 -22.88 -10.57 -6.52
C ASN A 422 -22.33 -9.76 -5.42
N VAL A 423 -23.21 -9.04 -4.71
CA VAL A 423 -22.78 -8.22 -3.61
C VAL A 423 -21.95 -9.03 -2.64
N ALA A 424 -22.40 -10.28 -2.38
CA ALA A 424 -21.71 -11.17 -1.45
C ALA A 424 -20.29 -11.51 -1.93
N ASP A 425 -20.09 -11.59 -3.25
CA ASP A 425 -18.75 -11.86 -3.78
C ASP A 425 -17.86 -10.67 -3.53
N ILE A 426 -18.40 -9.49 -3.86
CA ILE A 426 -17.72 -8.26 -3.66
C ILE A 426 -17.32 -8.11 -2.17
N GLU A 427 -18.26 -8.43 -1.28
CA GLU A 427 -18.02 -8.36 0.19
C GLU A 427 -16.79 -9.18 0.65
N SER A 428 -16.65 -10.40 0.12
CA SER A 428 -15.49 -11.25 0.44
C SER A 428 -14.20 -10.64 -0.13
N VAL A 429 -14.29 -10.11 -1.34
CA VAL A 429 -13.15 -9.53 -1.98
C VAL A 429 -12.68 -8.32 -1.25
N VAL A 430 -13.62 -7.43 -0.91
CA VAL A 430 -13.30 -6.22 -0.15
C VAL A 430 -12.77 -6.56 1.26
N ALA A 431 -13.38 -7.56 1.91
CA ALA A 431 -12.91 -7.99 3.22
C ALA A 431 -11.49 -8.45 3.18
N ARG A 432 -11.11 -9.18 2.14
CA ARG A 432 -9.74 -9.72 2.04
C ARG A 432 -8.67 -8.60 1.82
N ILE A 433 -9.05 -7.57 1.07
CA ILE A 433 -8.14 -6.46 0.80
C ILE A 433 -8.05 -5.57 1.99
N ALA A 434 -9.21 -5.22 2.54
CA ALA A 434 -9.28 -4.32 3.68
C ALA A 434 -8.68 -4.85 4.97
N ARG A 435 -8.72 -6.17 5.16
CA ARG A 435 -8.27 -6.73 6.44
C ARG A 435 -7.83 -8.16 6.41
N ILE A 436 -8.12 -8.87 7.53
CA ILE A 436 -7.85 -10.32 7.74
C ILE A 436 -6.53 -10.91 8.47
N PRO A 437 -5.31 -10.54 8.01
CA PRO A 437 -4.06 -11.19 8.46
C PRO A 437 -3.94 -11.53 9.94
N GLU A 438 -4.05 -12.83 10.28
CA GLU A 438 -3.87 -13.35 11.65
C GLU A 438 -4.14 -14.86 11.82
N LYS A 439 -3.15 -15.58 12.33
CA LYS A 439 -3.28 -17.01 12.65
C LYS A 439 -3.18 -17.07 14.16
N SER A 440 -4.18 -17.67 14.82
CA SER A 440 -4.17 -17.73 16.31
C SER A 440 -5.20 -18.68 16.90
N VAL A 441 -4.93 -19.99 16.85
CA VAL A 441 -5.90 -20.96 17.39
C VAL A 441 -5.42 -22.07 18.37
N SER A 442 -5.42 -23.32 17.90
CA SER A 442 -5.15 -24.48 18.78
C SER A 442 -3.72 -25.10 18.89
N GLN A 443 -2.68 -24.39 18.45
CA GLN A 443 -1.33 -24.97 18.54
C GLN A 443 -0.10 -24.05 18.73
N SER A 444 0.57 -23.73 17.63
CA SER A 444 1.81 -22.96 17.63
C SER A 444 1.79 -21.68 18.45
N ASP A 445 0.92 -20.76 18.09
CA ASP A 445 0.81 -19.52 18.84
C ASP A 445 0.20 -19.77 20.22
N ARG A 446 -0.66 -20.79 20.30
CA ARG A 446 -1.34 -21.16 21.55
C ARG A 446 -0.36 -21.55 22.68
N ASP A 447 0.55 -22.46 22.39
CA ASP A 447 1.51 -22.93 23.38
C ASP A 447 2.44 -21.82 23.86
N THR A 448 2.88 -20.98 22.92
CA THR A 448 3.77 -19.89 23.26
C THR A 448 3.08 -18.90 24.17
N LEU A 449 1.88 -18.42 23.75
CA LEU A 449 1.12 -17.45 24.53
C LEU A 449 0.65 -18.00 25.89
N LYS A 450 0.34 -19.30 25.96
CA LYS A 450 -0.11 -19.90 27.22
C LYS A 450 1.04 -20.04 28.20
N ASN A 451 2.27 -20.13 27.66
CA ASN A 451 3.47 -20.24 28.50
C ASN A 451 4.36 -18.98 28.47
N LEU A 452 3.89 -17.91 27.82
CA LEU A 452 4.64 -16.67 27.71
C LEU A 452 4.97 -16.12 29.09
N GLY A 453 3.97 -16.12 29.96
CA GLY A 453 4.14 -15.65 31.33
C GLY A 453 5.10 -16.55 32.13
N ASP A 454 5.24 -17.80 31.72
CA ASP A 454 6.15 -18.74 32.40
C ASP A 454 7.55 -18.69 31.79
N ARG A 455 7.60 -18.54 30.49
CA ARG A 455 8.84 -18.44 29.76
C ARG A 455 9.65 -17.18 30.21
N LEU A 456 8.94 -16.06 30.42
CA LEU A 456 9.56 -14.80 30.86
C LEU A 456 9.95 -14.88 32.32
N LYS A 457 9.13 -15.59 33.14
CA LYS A 457 9.38 -15.74 34.58
C LYS A 457 10.58 -16.58 34.85
N MET A 458 11.09 -17.23 33.81
CA MET A 458 12.25 -18.09 33.92
C MET A 458 13.51 -17.35 33.37
N LEU A 459 13.41 -16.03 33.26
CA LEU A 459 14.52 -15.22 32.75
C LEU A 459 14.58 -13.94 33.51
N VAL A 460 13.42 -13.50 33.98
CA VAL A 460 13.26 -12.27 34.75
C VAL A 460 12.56 -12.63 36.02
N PHE A 461 13.17 -12.33 37.15
CA PHE A 461 12.56 -12.72 38.42
C PHE A 461 12.07 -11.54 39.27
N GLY A 462 11.19 -11.83 40.21
CA GLY A 462 10.67 -10.83 41.13
C GLY A 462 9.75 -9.80 40.53
N GLN A 463 9.21 -10.08 39.34
CA GLN A 463 8.29 -9.14 38.71
C GLN A 463 7.10 -9.82 38.06
N ASP A 464 6.49 -10.77 38.78
CA ASP A 464 5.35 -11.50 38.33
C ASP A 464 4.21 -10.64 37.81
N LYS A 465 3.94 -9.52 38.51
CA LYS A 465 2.85 -8.59 38.11
C LYS A 465 3.10 -8.01 36.72
N ALA A 466 4.26 -7.43 36.55
CA ALA A 466 4.67 -6.84 35.26
C ALA A 466 4.46 -7.84 34.08
N ILE A 467 5.07 -9.01 34.23
CA ILE A 467 4.98 -10.06 33.25
C ILE A 467 3.50 -10.46 32.97
N GLU A 468 2.71 -10.56 34.04
CA GLU A 468 1.32 -10.95 33.90
C GLU A 468 0.49 -9.88 33.24
N ALA A 469 0.74 -8.63 33.59
CA ALA A 469 -0.01 -7.53 32.97
C ALA A 469 0.36 -7.38 31.52
N LEU A 470 1.62 -7.68 31.21
CA LEU A 470 2.14 -7.57 29.86
C LEU A 470 1.61 -8.65 28.97
N THR A 471 1.70 -9.90 29.44
CA THR A 471 1.22 -11.06 28.65
C THR A 471 -0.29 -11.08 28.51
N GLU A 472 -1.00 -10.50 29.48
CA GLU A 472 -2.46 -10.44 29.40
C GLU A 472 -2.80 -9.55 28.24
N ALA A 473 -2.07 -8.46 28.10
CA ALA A 473 -2.28 -7.50 27.03
C ALA A 473 -1.87 -8.01 25.62
N ILE A 474 -0.88 -8.90 25.56
CA ILE A 474 -0.44 -9.46 24.30
C ILE A 474 -1.46 -10.46 23.81
N LYS A 475 -1.86 -11.36 24.71
CA LYS A 475 -2.84 -12.40 24.39
C LYS A 475 -4.20 -11.75 23.92
N MET A 476 -4.59 -10.71 24.59
CA MET A 476 -5.80 -10.03 24.26
C MET A 476 -5.76 -9.50 22.86
N ALA A 477 -4.60 -8.93 22.48
CA ALA A 477 -4.43 -8.39 21.16
C ALA A 477 -4.28 -9.50 20.15
N ARG A 478 -3.84 -10.66 20.61
CA ARG A 478 -3.65 -11.77 19.72
C ARG A 478 -4.94 -12.52 19.50
N ALA A 479 -5.92 -12.25 20.33
CA ALA A 479 -7.21 -12.89 20.21
C ALA A 479 -8.16 -12.10 19.30
N GLY A 480 -7.66 -11.04 18.70
CA GLY A 480 -8.47 -10.21 17.85
C GLY A 480 -9.24 -9.15 18.66
N LEU A 481 -8.90 -9.03 19.94
CA LEU A 481 -9.53 -8.07 20.81
C LEU A 481 -8.58 -6.91 20.98
N GLY A 482 -9.04 -5.72 20.60
CA GLY A 482 -8.23 -4.53 20.60
C GLY A 482 -8.56 -3.81 19.31
N HIS A 483 -7.88 -2.72 19.03
CA HIS A 483 -8.18 -1.98 17.80
C HIS A 483 -7.21 -2.23 16.68
N GLU A 484 -7.71 -2.05 15.46
CA GLU A 484 -6.93 -2.26 14.25
C GLU A 484 -6.15 -0.98 13.92
N HIS A 485 -6.63 0.14 14.43
CA HIS A 485 -6.00 1.44 14.17
C HIS A 485 -4.98 1.84 15.26
N LYS A 486 -4.58 0.89 16.11
CA LYS A 486 -3.64 1.19 17.18
C LYS A 486 -2.57 0.06 17.32
N PRO A 487 -1.46 0.34 18.01
CA PRO A 487 -0.41 -0.67 18.22
C PRO A 487 -0.90 -1.85 19.06
N VAL A 488 -0.19 -2.98 18.97
CA VAL A 488 -0.48 -4.18 19.75
C VAL A 488 -0.57 -3.81 21.25
N GLY A 489 0.38 -3.05 21.71
CA GLY A 489 0.42 -2.60 23.07
C GLY A 489 1.32 -1.40 23.23
N SER A 490 0.93 -0.51 24.12
CA SER A 490 1.70 0.69 24.43
C SER A 490 1.86 0.66 25.87
N PHE A 491 3.08 0.46 26.32
CA PHE A 491 3.34 0.34 27.74
C PHE A 491 4.38 1.30 28.28
N LEU A 492 4.23 1.60 29.55
CA LEU A 492 5.17 2.40 30.24
C LEU A 492 5.74 1.54 31.33
N PHE A 493 6.96 1.06 31.12
CA PHE A 493 7.63 0.27 32.13
C PHE A 493 8.28 1.23 33.16
N ALA A 494 7.68 1.32 34.33
CA ALA A 494 8.20 2.20 35.36
C ALA A 494 8.74 1.41 36.48
N GLY A 495 9.82 1.89 37.07
CA GLY A 495 10.45 1.21 38.15
C GLY A 495 11.84 1.70 38.33
N PRO A 496 12.50 1.22 39.37
CA PRO A 496 13.87 1.64 39.69
C PRO A 496 14.90 1.12 38.66
N THR A 497 16.16 1.50 38.85
CA THR A 497 17.23 1.09 37.96
C THR A 497 17.68 -0.37 38.21
N GLY A 498 17.88 -1.12 37.11
CA GLY A 498 18.38 -2.50 37.19
C GLY A 498 17.45 -3.53 37.80
N VAL A 499 16.14 -3.44 37.52
CA VAL A 499 15.17 -4.41 38.06
C VAL A 499 14.50 -5.35 37.03
N GLY A 500 14.82 -5.14 35.76
CA GLY A 500 14.29 -6.01 34.72
C GLY A 500 13.44 -5.39 33.62
N LYS A 501 13.36 -4.08 33.59
CA LYS A 501 12.58 -3.41 32.55
C LYS A 501 13.14 -3.69 31.14
N THR A 502 14.44 -3.47 30.95
CA THR A 502 15.07 -3.71 29.63
C THR A 502 15.11 -5.20 29.29
N GLU A 503 15.45 -6.00 30.27
CA GLU A 503 15.57 -7.42 30.11
C GLU A 503 14.27 -8.03 29.65
N VAL A 504 13.15 -7.62 30.28
CA VAL A 504 11.81 -8.14 29.91
C VAL A 504 11.45 -7.88 28.41
N THR A 505 11.75 -6.66 27.91
CA THR A 505 11.39 -6.34 26.53
C THR A 505 12.28 -7.02 25.55
N VAL A 506 13.56 -7.21 25.92
CA VAL A 506 14.51 -7.94 25.08
C VAL A 506 14.02 -9.40 24.97
N GLN A 507 13.60 -9.96 26.11
CA GLN A 507 13.09 -11.31 26.16
C GLN A 507 11.71 -11.44 25.48
N LEU A 508 10.89 -10.40 25.58
CA LEU A 508 9.57 -10.42 24.96
C LEU A 508 9.72 -10.58 23.48
N SER A 509 10.70 -9.89 22.90
CA SER A 509 10.97 -9.97 21.46
C SER A 509 11.56 -11.33 21.04
N LYS A 510 12.34 -11.96 21.92
CA LYS A 510 12.92 -13.24 21.61
C LYS A 510 11.87 -14.34 21.72
N ALA A 511 10.93 -14.18 22.67
CA ALA A 511 9.86 -15.19 22.88
C ALA A 511 8.73 -15.10 21.86
N LEU A 512 8.60 -13.95 21.23
CA LEU A 512 7.55 -13.75 20.24
C LEU A 512 8.07 -13.99 18.86
N GLY A 513 9.40 -14.06 18.74
CA GLY A 513 10.04 -14.29 17.46
C GLY A 513 10.04 -13.07 16.54
N ILE A 514 10.11 -11.88 17.12
CA ILE A 514 10.11 -10.66 16.33
C ILE A 514 11.36 -9.81 16.57
N GLU A 515 11.61 -8.85 15.69
CA GLU A 515 12.77 -7.99 15.80
C GLU A 515 12.68 -7.02 16.91
N LEU A 516 13.81 -6.54 17.34
CA LEU A 516 13.87 -5.57 18.41
C LEU A 516 14.48 -4.26 17.89
N LEU A 517 13.68 -3.22 17.89
CA LEU A 517 14.12 -1.93 17.49
C LEU A 517 14.30 -1.15 18.77
N ARG A 518 15.47 -0.60 18.96
CA ARG A 518 15.77 0.10 20.18
C ARG A 518 16.28 1.51 19.92
N PHE A 519 15.79 2.46 20.69
CA PHE A 519 16.20 3.84 20.56
C PHE A 519 16.36 4.46 21.92
N ASP A 520 17.50 5.11 22.14
CA ASP A 520 17.74 5.77 23.42
C ASP A 520 17.19 7.21 23.33
N MET A 521 16.27 7.55 24.24
CA MET A 521 15.66 8.89 24.22
C MET A 521 16.57 9.99 24.75
N SER A 522 17.69 9.60 25.39
CA SER A 522 18.65 10.60 25.89
C SER A 522 19.50 11.12 24.73
N GLU A 523 19.43 10.42 23.61
CA GLU A 523 20.09 10.83 22.41
C GLU A 523 19.08 11.57 21.55
N TYR A 524 17.89 11.74 22.08
CA TYR A 524 16.85 12.45 21.37
C TYR A 524 16.31 13.60 22.11
N MET A 525 17.10 14.08 23.07
CA MET A 525 16.80 15.30 23.76
C MET A 525 17.34 16.28 22.73
N GLU A 526 16.74 17.44 22.61
CA GLU A 526 17.12 18.36 21.53
C GLU A 526 18.52 19.11 21.53
N ARG A 527 18.99 19.57 22.69
CA ARG A 527 20.28 20.35 22.72
C ARG A 527 21.07 20.26 24.05
N HIS A 528 20.86 19.19 24.80
CA HIS A 528 21.51 19.05 26.11
C HIS A 528 23.02 18.66 26.14
N THR A 529 23.49 17.97 25.11
CA THR A 529 24.91 17.52 25.07
C THR A 529 25.78 18.42 24.17
N VAL A 530 26.76 19.11 24.77
CA VAL A 530 27.62 20.00 23.98
C VAL A 530 29.11 20.14 24.44
N SER A 531 29.34 20.61 25.68
CA SER A 531 30.72 20.87 26.20
C SER A 531 31.64 19.64 26.25
N ARG A 532 31.06 18.46 26.11
CA ARG A 532 31.83 17.22 26.10
C ARG A 532 32.52 17.10 24.72
N LEU A 533 31.76 16.63 23.72
CA LEU A 533 32.25 16.55 22.32
C LEU A 533 31.11 16.37 21.31
N ILE A 534 30.26 15.40 21.57
CA ILE A 534 29.12 15.09 20.70
C ILE A 534 28.13 16.28 20.57
N GLY A 535 27.64 16.50 19.34
CA GLY A 535 26.66 17.56 19.06
C GLY A 535 26.09 17.41 17.65
N ALA A 536 24.80 17.01 17.56
CA ALA A 536 24.17 16.82 16.23
C ALA A 536 22.62 16.98 16.18
N PRO A 537 22.12 18.20 16.45
CA PRO A 537 20.67 18.45 16.46
C PRO A 537 19.89 18.76 15.10
N PRO A 538 20.56 18.89 13.90
CA PRO A 538 19.80 19.12 12.65
C PRO A 538 18.92 17.92 12.38
N GLY A 539 19.14 16.87 13.17
CA GLY A 539 18.36 15.68 13.10
C GLY A 539 17.51 15.55 14.34
N TYR A 540 17.79 14.49 15.14
CA TYR A 540 17.00 14.16 16.38
C TYR A 540 15.55 13.93 16.02
N VAL A 541 14.79 14.99 15.83
CA VAL A 541 13.43 14.85 15.36
C VAL A 541 13.58 14.47 13.89
N GLY A 542 14.57 15.07 13.24
CA GLY A 542 14.89 14.78 11.85
C GLY A 542 15.54 13.40 11.70
N PHE A 543 16.18 12.92 12.75
CA PHE A 543 16.77 11.57 12.75
C PHE A 543 15.65 10.56 12.81
N ASP A 544 14.70 10.79 13.73
CA ASP A 544 13.55 9.90 13.93
C ASP A 544 12.59 9.91 12.71
N GLN A 545 12.05 11.10 12.39
CA GLN A 545 11.11 11.22 11.28
C GLN A 545 11.65 10.86 9.92
N GLY A 546 12.51 11.73 9.38
CA GLY A 546 13.10 11.52 8.07
C GLY A 546 13.52 10.07 7.80
N GLY A 547 14.45 9.57 8.61
CA GLY A 547 14.91 8.21 8.43
C GLY A 547 14.57 7.23 9.56
N LEU A 548 15.55 6.99 10.42
CA LEU A 548 15.50 6.02 11.54
C LEU A 548 14.17 5.32 11.94
N LEU A 549 13.41 5.93 12.86
CA LEU A 549 12.14 5.34 13.37
C LEU A 549 11.22 4.83 12.26
N THR A 550 10.98 5.67 11.27
CA THR A 550 10.14 5.32 10.13
C THR A 550 10.73 4.15 9.33
N ASP A 551 12.01 4.28 8.98
CA ASP A 551 12.72 3.26 8.22
C ASP A 551 12.74 1.88 8.92
N ALA A 552 13.00 1.88 10.23
CA ALA A 552 13.07 0.64 11.01
C ALA A 552 11.72 -0.08 11.10
N VAL A 553 10.65 0.70 11.25
CA VAL A 553 9.29 0.15 11.35
C VAL A 553 8.76 -0.35 9.98
N ILE A 554 9.30 0.19 8.89
CA ILE A 554 8.91 -0.25 7.56
C ILE A 554 9.67 -1.50 7.24
N LYS A 555 10.93 -1.55 7.69
CA LYS A 555 11.76 -2.71 7.47
C LYS A 555 11.32 -3.88 8.32
N HIS A 556 10.94 -3.61 9.56
CA HIS A 556 10.45 -4.65 10.46
C HIS A 556 9.04 -4.27 11.05
N PRO A 557 7.97 -4.55 10.29
CA PRO A 557 6.59 -4.26 10.74
C PRO A 557 6.19 -5.04 12.00
N HIS A 558 6.62 -6.29 12.10
CA HIS A 558 6.36 -7.08 13.29
C HIS A 558 7.54 -6.94 14.22
N ALA A 559 7.39 -6.14 15.27
CA ALA A 559 8.51 -5.87 16.18
C ALA A 559 8.14 -5.34 17.58
N VAL A 560 9.16 -5.26 18.42
CA VAL A 560 9.03 -4.67 19.74
C VAL A 560 9.87 -3.41 19.68
N LEU A 561 9.27 -2.28 19.95
CA LEU A 561 9.98 -1.00 19.88
C LEU A 561 10.28 -0.54 21.26
N LEU A 562 11.55 -0.63 21.63
CA LEU A 562 11.99 -0.22 22.94
C LEU A 562 12.53 1.18 22.91
N LEU A 563 11.99 2.04 23.75
CA LEU A 563 12.45 3.43 23.86
C LEU A 563 12.94 3.64 25.30
N ASP A 564 14.26 3.69 25.45
CA ASP A 564 14.87 3.86 26.76
C ASP A 564 14.77 5.28 27.28
N GLU A 565 14.54 5.41 28.59
CA GLU A 565 14.50 6.72 29.27
C GLU A 565 13.53 7.72 28.61
N ILE A 566 12.29 7.28 28.42
CA ILE A 566 11.27 8.08 27.77
C ILE A 566 11.07 9.54 28.32
N GLU A 567 11.33 9.72 29.62
CA GLU A 567 11.19 11.04 30.29
C GLU A 567 12.14 12.10 29.74
N LYS A 568 13.22 11.68 29.10
CA LYS A 568 14.20 12.61 28.57
C LYS A 568 13.91 13.04 27.15
N ALA A 569 12.86 12.49 26.55
CA ALA A 569 12.52 12.81 25.15
C ALA A 569 11.88 14.19 24.99
N HIS A 570 12.14 14.81 23.86
CA HIS A 570 11.62 16.12 23.52
C HIS A 570 10.11 16.00 23.19
N PRO A 571 9.32 17.05 23.52
CA PRO A 571 7.88 17.07 23.23
C PRO A 571 7.51 16.69 21.78
N ASP A 572 8.39 16.98 20.80
CA ASP A 572 8.11 16.63 19.38
C ASP A 572 7.98 15.14 19.22
N VAL A 573 8.81 14.40 19.97
CA VAL A 573 8.76 12.94 19.96
C VAL A 573 7.46 12.49 20.61
N PHE A 574 7.07 13.16 21.68
CA PHE A 574 5.83 12.83 22.37
C PHE A 574 4.58 13.00 21.49
N ASN A 575 4.54 14.06 20.68
CA ASN A 575 3.40 14.26 19.75
C ASN A 575 3.39 13.15 18.73
N ILE A 576 4.59 12.78 18.25
CA ILE A 576 4.77 11.68 17.30
C ILE A 576 4.31 10.41 17.96
N LEU A 577 4.61 10.26 19.25
CA LEU A 577 4.18 9.08 19.99
C LEU A 577 2.69 9.06 20.22
N LEU A 578 2.10 10.24 20.43
CA LEU A 578 0.67 10.36 20.65
C LEU A 578 -0.08 9.99 19.39
N GLN A 579 0.54 10.21 18.25
CA GLN A 579 -0.06 9.86 16.99
C GLN A 579 0.05 8.33 16.76
N VAL A 580 1.19 7.74 17.14
CA VAL A 580 1.39 6.31 16.99
C VAL A 580 0.33 5.55 17.78
N MET A 581 0.17 5.93 19.04
CA MET A 581 -0.79 5.30 19.92
C MET A 581 -2.28 5.55 19.51
N ASP A 582 -2.52 6.56 18.67
CA ASP A 582 -3.88 6.86 18.23
C ASP A 582 -4.16 6.40 16.80
N ASN A 583 -3.27 6.73 15.88
CA ASN A 583 -3.46 6.42 14.47
C ASN A 583 -2.86 5.11 13.99
N GLY A 584 -1.89 4.58 14.75
CA GLY A 584 -1.23 3.33 14.39
C GLY A 584 -0.33 3.47 13.18
N THR A 585 -0.14 4.70 12.76
CA THR A 585 0.65 5.01 11.62
C THR A 585 1.52 6.18 11.97
N LEU A 586 2.49 6.44 11.12
CA LEU A 586 3.35 7.59 11.29
C LEU A 586 3.75 7.98 9.91
N THR A 587 3.80 9.27 9.64
CA THR A 587 4.09 9.69 8.32
C THR A 587 5.34 10.46 8.03
N ASP A 588 6.22 9.79 7.32
CA ASP A 588 7.39 10.37 6.73
C ASP A 588 7.14 9.94 5.30
N ASN A 589 6.89 10.91 4.42
CA ASN A 589 6.55 10.63 2.98
C ASN A 589 5.19 9.87 2.86
N ASN A 590 4.51 10.00 1.75
CA ASN A 590 3.19 9.41 1.64
C ASN A 590 2.90 8.03 1.10
N GLY A 591 1.69 7.57 1.37
CA GLY A 591 1.24 6.25 1.04
C GLY A 591 1.19 5.56 2.37
N ARG A 592 1.27 6.39 3.43
CA ARG A 592 1.29 5.94 4.84
C ARG A 592 2.38 4.90 5.07
N LYS A 593 3.62 5.37 4.95
CA LYS A 593 4.85 4.58 5.04
C LYS A 593 4.99 3.70 6.29
N ALA A 594 5.17 4.33 7.45
CA ALA A 594 5.37 3.59 8.69
C ALA A 594 4.08 3.03 9.29
N ASP A 595 3.96 1.71 9.29
CA ASP A 595 2.79 1.03 9.84
C ASP A 595 3.13 0.39 11.19
N PHE A 596 2.56 0.94 12.26
CA PHE A 596 2.83 0.45 13.64
C PHE A 596 1.77 -0.54 14.13
N ARG A 597 0.96 -1.07 13.19
CA ARG A 597 -0.11 -2.01 13.54
C ARG A 597 0.38 -3.28 14.25
N ASN A 598 1.55 -3.79 13.83
CA ASN A 598 2.10 -5.02 14.43
C ASN A 598 3.36 -4.77 15.30
N VAL A 599 3.35 -3.65 16.02
CA VAL A 599 4.46 -3.28 16.87
C VAL A 599 4.06 -3.23 18.38
N VAL A 600 4.91 -3.76 19.25
CA VAL A 600 4.69 -3.64 20.68
C VAL A 600 5.56 -2.48 21.16
N LEU A 601 4.93 -1.37 21.49
CA LEU A 601 5.67 -0.20 21.91
C LEU A 601 5.93 -0.29 23.40
N VAL A 602 7.21 -0.15 23.77
CA VAL A 602 7.63 -0.23 25.18
C VAL A 602 8.55 0.95 25.53
N MET A 603 8.13 1.72 26.51
CA MET A 603 8.85 2.87 26.95
C MET A 603 9.23 2.67 28.39
N THR A 604 10.51 2.77 28.68
CA THR A 604 10.98 2.55 30.02
C THR A 604 11.31 3.83 30.71
N THR A 605 11.09 3.88 32.01
CA THR A 605 11.40 5.06 32.75
C THR A 605 11.96 4.86 34.14
N ASN A 606 12.77 5.83 34.53
CA ASN A 606 13.46 5.85 35.78
C ASN A 606 12.93 7.03 36.57
N ALA A 607 11.93 7.70 35.97
CA ALA A 607 11.29 8.93 36.54
C ALA A 607 10.90 8.90 38.04
N GLY A 608 9.66 8.47 38.32
CA GLY A 608 9.15 8.40 39.73
C GLY A 608 9.31 7.00 40.29
N VAL A 609 10.30 6.82 41.16
CA VAL A 609 10.71 5.48 41.66
C VAL A 609 9.72 4.65 42.55
N ARG A 610 9.31 3.48 42.03
CA ARG A 610 8.42 2.57 42.79
C ARG A 610 9.22 1.77 43.82
N ASN A 624 15.24 8.87 45.41
CA ASN A 624 14.97 9.88 46.43
C ASN A 624 13.52 10.35 46.36
N SER A 625 12.61 9.46 46.00
CA SER A 625 11.19 9.83 45.86
C SER A 625 10.20 8.82 46.44
N THR A 626 9.24 9.33 47.22
CA THR A 626 8.19 8.50 47.82
C THR A 626 7.05 8.31 46.79
N ASP A 627 6.72 7.07 46.46
CA ASP A 627 5.72 6.82 45.44
C ASP A 627 4.62 5.85 45.84
N ALA A 628 3.39 6.32 45.70
CA ALA A 628 2.22 5.52 45.96
C ALA A 628 1.22 5.88 44.87
N MET A 629 1.23 7.15 44.48
CA MET A 629 0.34 7.65 43.42
C MET A 629 1.03 8.74 42.52
N GLU A 630 0.65 9.99 42.78
CA GLU A 630 1.06 11.20 42.02
C GLU A 630 2.43 11.33 41.28
N GLU A 631 3.48 10.67 41.77
CA GLU A 631 4.84 10.84 41.17
C GLU A 631 5.00 10.63 39.62
N ILE A 632 4.50 9.50 39.12
CA ILE A 632 4.56 9.24 37.68
C ILE A 632 3.59 10.18 36.97
N LYS A 633 2.45 10.42 37.62
CA LYS A 633 1.40 11.30 37.10
C LYS A 633 1.86 12.76 36.95
N LYS A 634 2.77 13.20 37.82
CA LYS A 634 3.30 14.54 37.74
C LYS A 634 4.21 14.68 36.51
N ILE A 635 5.10 13.70 36.32
CA ILE A 635 6.07 13.75 35.24
C ILE A 635 5.48 13.64 33.81
N PHE A 636 4.53 12.74 33.64
CA PHE A 636 3.89 12.56 32.34
C PHE A 636 2.50 13.14 32.38
N THR A 637 2.11 13.82 31.31
CA THR A 637 0.78 14.45 31.26
C THR A 637 -0.34 13.40 31.21
N PRO A 638 -1.54 13.80 31.65
CA PRO A 638 -2.73 12.94 31.58
C PRO A 638 -3.01 12.50 30.12
N GLU A 639 -2.66 13.33 29.16
CA GLU A 639 -2.91 13.00 27.77
C GLU A 639 -2.06 11.86 27.27
N PHE A 640 -0.79 11.83 27.71
CA PHE A 640 0.13 10.77 27.33
C PHE A 640 -0.19 9.50 28.07
N ARG A 641 -0.53 9.65 29.36
CA ARG A 641 -0.83 8.49 30.22
C ARG A 641 -2.12 7.76 29.84
N ASN A 642 -3.13 8.52 29.41
CA ASN A 642 -4.38 7.93 29.05
C ASN A 642 -4.40 7.23 27.69
N ARG A 643 -3.31 7.34 26.94
CA ARG A 643 -3.22 6.65 25.66
C ARG A 643 -2.48 5.33 25.82
N LEU A 644 -1.94 5.11 27.02
CA LEU A 644 -1.21 3.87 27.34
C LEU A 644 -2.19 2.71 27.58
N ASP A 645 -1.79 1.51 27.16
CA ASP A 645 -2.62 0.33 27.38
C ASP A 645 -2.46 -0.09 28.80
N ASN A 646 -1.33 0.29 29.38
CA ASN A 646 -0.97 -0.08 30.75
C ASN A 646 0.32 0.61 31.19
N ILE A 647 0.35 1.04 32.45
CA ILE A 647 1.55 1.51 33.03
C ILE A 647 1.98 0.32 33.84
N ILE A 648 2.98 -0.36 33.36
CA ILE A 648 3.43 -1.59 34.00
C ILE A 648 4.51 -1.35 35.05
N TRP A 649 4.14 -1.56 36.30
CA TRP A 649 5.00 -1.29 37.40
C TRP A 649 5.99 -2.40 37.71
N PHE A 650 7.21 -2.00 38.05
CA PHE A 650 8.28 -2.94 38.40
C PHE A 650 8.76 -2.67 39.85
N ASP A 651 8.75 -3.71 40.67
CA ASP A 651 9.16 -3.55 42.07
C ASP A 651 10.69 -3.67 42.26
N HIS A 652 11.16 -3.34 43.47
CA HIS A 652 12.57 -3.50 43.82
C HIS A 652 12.84 -4.98 43.95
N LEU A 653 14.10 -5.38 43.86
CA LEU A 653 14.42 -6.80 43.97
C LEU A 653 14.59 -7.23 45.39
N SER A 654 13.93 -8.34 45.76
CA SER A 654 14.04 -8.89 47.12
C SER A 654 15.39 -9.54 47.28
N THR A 655 15.70 -9.98 48.48
CA THR A 655 16.96 -10.67 48.72
C THR A 655 16.95 -12.02 48.00
N ASP A 656 15.78 -12.66 47.95
CA ASP A 656 15.61 -13.96 47.27
C ASP A 656 15.75 -13.82 45.75
N VAL A 657 15.18 -12.75 45.20
CA VAL A 657 15.25 -12.49 43.77
C VAL A 657 16.71 -12.26 43.33
N ILE A 658 17.44 -11.45 44.08
CA ILE A 658 18.83 -11.19 43.80
C ILE A 658 19.61 -12.49 43.74
N HIS A 659 19.26 -13.42 44.63
CA HIS A 659 19.90 -14.75 44.66
C HIS A 659 19.52 -15.61 43.44
N GLN A 660 18.31 -15.41 42.94
CA GLN A 660 17.88 -16.15 41.79
C GLN A 660 18.66 -15.58 40.55
N VAL A 661 18.87 -14.26 40.53
CA VAL A 661 19.64 -13.63 39.48
C VAL A 661 21.08 -14.23 39.48
N VAL A 662 21.65 -14.37 40.68
CA VAL A 662 22.97 -14.93 40.84
C VAL A 662 23.00 -16.36 40.32
N ASP A 663 21.95 -17.16 40.69
CA ASP A 663 21.86 -18.53 40.23
C ASP A 663 21.74 -18.61 38.68
N LYS A 664 20.95 -17.69 38.09
CA LYS A 664 20.80 -17.66 36.63
C LYS A 664 22.19 -17.51 35.96
N PHE A 665 23.01 -16.59 36.49
CA PHE A 665 24.34 -16.37 35.97
C PHE A 665 25.24 -17.59 36.15
N ILE A 666 25.07 -18.26 37.28
CA ILE A 666 25.86 -19.46 37.57
C ILE A 666 25.46 -20.62 36.61
N VAL A 667 24.12 -20.83 36.43
CA VAL A 667 23.63 -21.88 35.53
C VAL A 667 24.10 -21.66 34.06
N GLU A 668 24.10 -20.41 33.60
CA GLU A 668 24.57 -20.09 32.23
C GLU A 668 26.01 -20.52 32.09
N LEU A 669 26.82 -20.20 33.11
CA LEU A 669 28.19 -20.58 33.13
C LEU A 669 28.31 -22.13 33.22
N GLN A 670 27.43 -22.74 34.03
CA GLN A 670 27.42 -24.19 34.17
C GLN A 670 27.10 -24.89 32.83
N VAL A 671 26.19 -24.31 32.07
CA VAL A 671 25.86 -24.81 30.78
C VAL A 671 27.14 -24.83 29.86
N GLN A 672 27.86 -23.71 29.83
CA GLN A 672 29.09 -23.63 29.04
C GLN A 672 30.14 -24.64 29.56
N LEU A 673 30.34 -24.68 30.89
CA LEU A 673 31.33 -25.56 31.49
C LEU A 673 31.03 -27.10 31.38
N ASP A 674 29.74 -27.47 31.50
CA ASP A 674 29.31 -28.92 31.39
C ASP A 674 29.58 -29.53 30.03
N GLN A 675 29.59 -28.69 29.01
CA GLN A 675 29.83 -29.15 27.64
C GLN A 675 31.28 -29.48 27.44
N LYS A 676 32.12 -28.89 28.28
CA LYS A 676 33.55 -29.12 28.24
C LYS A 676 33.98 -30.12 29.33
N GLY A 677 33.01 -30.79 29.94
CA GLY A 677 33.28 -31.77 30.99
C GLY A 677 33.79 -31.18 32.29
N VAL A 678 33.49 -29.91 32.53
CA VAL A 678 33.93 -29.22 33.76
C VAL A 678 32.72 -28.92 34.66
N SER A 679 32.79 -29.30 35.92
CA SER A 679 31.67 -29.08 36.83
C SER A 679 31.93 -27.97 37.83
N LEU A 680 31.09 -26.93 37.80
CA LEU A 680 31.23 -25.77 38.68
C LEU A 680 30.27 -25.81 39.81
N GLU A 681 30.79 -25.74 41.01
CA GLU A 681 29.97 -25.70 42.23
C GLU A 681 30.30 -24.40 42.94
N VAL A 682 29.29 -23.62 43.29
CA VAL A 682 29.50 -22.39 44.01
C VAL A 682 28.78 -22.49 45.34
N SER A 683 29.50 -22.28 46.44
CA SER A 683 28.92 -22.42 47.81
C SER A 683 27.95 -21.30 48.15
N GLN A 684 27.18 -21.51 49.22
CA GLN A 684 26.16 -20.55 49.66
C GLN A 684 26.79 -19.21 50.06
N GLU A 685 27.90 -19.29 50.79
CA GLU A 685 28.60 -18.10 51.24
C GLU A 685 29.13 -17.30 50.07
N ALA A 686 29.61 -18.01 49.05
CA ALA A 686 30.10 -17.37 47.84
C ALA A 686 28.93 -16.82 47.01
N ARG A 687 27.76 -17.44 47.15
CA ARG A 687 26.56 -16.96 46.44
C ARG A 687 26.08 -15.66 47.14
N ASN A 688 26.18 -15.62 48.48
CA ASN A 688 25.84 -14.42 49.25
C ASN A 688 26.80 -13.28 48.87
N TRP A 689 28.07 -13.63 48.66
CA TRP A 689 29.13 -12.67 48.30
C TRP A 689 28.89 -12.09 46.91
N LEU A 690 28.41 -12.93 45.99
CA LEU A 690 28.12 -12.50 44.63
C LEU A 690 26.86 -11.58 44.65
N ALA A 691 25.92 -11.91 45.53
CA ALA A 691 24.68 -11.14 45.66
C ALA A 691 24.99 -9.76 46.20
N GLU A 692 25.86 -9.72 47.21
CA GLU A 692 26.28 -8.49 47.86
C GLU A 692 27.00 -7.57 46.88
N LYS A 693 27.94 -8.13 46.13
CA LYS A 693 28.78 -7.35 45.22
C LYS A 693 28.11 -6.96 43.89
N GLY A 694 27.11 -7.73 43.48
CA GLY A 694 26.47 -7.51 42.19
C GLY A 694 25.15 -6.77 42.23
N TYR A 695 24.78 -6.24 43.39
CA TYR A 695 23.55 -5.48 43.50
C TYR A 695 23.69 -4.20 44.31
N ASP A 696 23.40 -3.09 43.67
CA ASP A 696 23.41 -1.78 44.31
C ASP A 696 21.93 -1.41 44.40
N ARG A 697 21.52 -0.70 45.43
CA ARG A 697 20.12 -0.33 45.53
C ARG A 697 19.80 0.76 44.54
N ALA A 698 20.82 1.56 44.21
CA ALA A 698 20.68 2.62 43.25
C ALA A 698 20.84 2.10 41.80
N MET A 699 21.60 1.02 41.63
CA MET A 699 21.84 0.49 40.29
C MET A 699 21.19 -0.85 39.96
N GLY A 700 20.58 -1.48 40.95
CA GLY A 700 19.93 -2.77 40.74
C GLY A 700 20.92 -3.86 40.46
N ALA A 701 20.54 -4.80 39.60
CA ALA A 701 21.41 -5.88 39.24
C ALA A 701 22.30 -5.54 38.04
N ARG A 702 22.43 -4.26 37.72
CA ARG A 702 23.32 -3.82 36.62
C ARG A 702 24.81 -4.22 36.77
N PRO A 703 25.37 -4.19 38.00
CA PRO A 703 26.77 -4.62 38.20
C PRO A 703 26.96 -6.13 38.27
N MET A 704 25.88 -6.92 38.19
CA MET A 704 25.98 -8.38 38.31
C MET A 704 26.81 -9.11 37.22
N ALA A 705 26.66 -8.69 35.96
CA ALA A 705 27.38 -9.34 34.85
C ALA A 705 28.89 -9.25 34.97
N ARG A 706 29.39 -8.09 35.44
CA ARG A 706 30.81 -7.88 35.61
C ARG A 706 31.33 -8.60 36.80
N VAL A 707 30.54 -8.60 37.87
CA VAL A 707 30.91 -9.26 39.09
C VAL A 707 31.04 -10.74 38.85
N ILE A 708 30.14 -11.29 38.05
CA ILE A 708 30.16 -12.72 37.70
C ILE A 708 31.34 -13.01 36.74
N GLN A 709 31.61 -12.06 35.84
CA GLN A 709 32.71 -12.20 34.90
C GLN A 709 34.08 -12.12 35.63
N ASP A 710 34.25 -11.12 36.47
CA ASP A 710 35.52 -10.96 37.17
C ASP A 710 35.79 -12.05 38.23
N ASN A 711 34.74 -12.55 38.86
CA ASN A 711 34.92 -13.49 39.96
C ASN A 711 34.66 -14.98 39.69
N LEU A 712 33.95 -15.28 38.60
CA LEU A 712 33.63 -16.69 38.25
C LEU A 712 34.17 -17.11 36.88
N LYS A 713 34.36 -16.14 35.97
CA LYS A 713 34.84 -16.45 34.63
C LYS A 713 36.37 -16.23 34.43
N LYS A 714 36.87 -15.06 34.80
CA LYS A 714 38.28 -14.75 34.63
C LYS A 714 39.24 -15.74 35.34
N PRO A 715 38.94 -16.09 36.61
CA PRO A 715 39.81 -16.99 37.38
C PRO A 715 39.87 -18.46 36.86
N LEU A 716 39.11 -18.81 35.82
CA LEU A 716 39.12 -20.18 35.28
C LEU A 716 39.74 -20.24 33.92
N ALA A 717 40.00 -19.09 33.31
CA ALA A 717 40.58 -19.04 31.96
C ALA A 717 41.89 -19.81 31.89
N ASN A 718 42.84 -19.43 32.75
CA ASN A 718 44.15 -20.08 32.81
C ASN A 718 44.06 -21.61 32.98
N GLU A 719 43.22 -22.04 33.91
CA GLU A 719 43.09 -23.45 34.18
C GLU A 719 42.43 -24.23 33.04
N LEU A 720 41.56 -23.56 32.29
CA LEU A 720 40.85 -24.21 31.18
C LEU A 720 41.71 -24.28 29.93
N LEU A 721 42.79 -23.48 29.91
CA LEU A 721 43.66 -23.40 28.72
C LEU A 721 44.98 -24.15 28.90
N PHE A 722 45.63 -23.96 30.04
CA PHE A 722 46.92 -24.61 30.32
C PHE A 722 47.07 -25.04 31.77
N GLY A 723 46.04 -25.68 32.29
CA GLY A 723 46.04 -26.13 33.66
C GLY A 723 45.21 -27.39 33.84
N SER A 724 44.66 -27.56 35.04
CA SER A 724 43.91 -28.78 35.40
C SER A 724 42.59 -29.01 34.70
N LEU A 725 42.04 -28.01 34.07
CA LEU A 725 40.75 -28.16 33.44
C LEU A 725 40.78 -28.48 31.94
N VAL A 726 41.97 -28.65 31.38
CA VAL A 726 42.11 -28.92 29.94
C VAL A 726 41.29 -30.13 29.45
N ASP A 727 41.31 -31.21 30.22
CA ASP A 727 40.58 -32.42 29.85
C ASP A 727 39.30 -32.59 30.68
N GLY A 728 38.91 -31.55 31.38
CA GLY A 728 37.75 -31.60 32.21
C GLY A 728 38.13 -31.55 33.65
N GLY A 729 37.15 -31.61 34.53
CA GLY A 729 37.43 -31.57 35.94
C GLY A 729 36.37 -30.91 36.78
N GLN A 730 36.80 -30.33 37.88
CA GLN A 730 35.90 -29.72 38.83
C GLN A 730 36.39 -28.45 39.40
N VAL A 731 35.47 -27.48 39.55
CA VAL A 731 35.78 -26.21 40.19
C VAL A 731 34.87 -26.00 41.39
N THR A 732 35.45 -25.74 42.52
CA THR A 732 34.70 -25.43 43.70
C THR A 732 35.02 -24.02 44.07
N VAL A 733 33.99 -23.18 44.12
CA VAL A 733 34.18 -21.78 44.50
C VAL A 733 33.58 -21.56 45.91
N ALA A 734 34.41 -21.10 46.85
CA ALA A 734 33.98 -20.88 48.23
C ALA A 734 34.34 -19.49 48.73
N LEU A 735 34.10 -19.26 50.02
CA LEU A 735 34.39 -17.98 50.61
C LEU A 735 35.29 -18.11 51.83
N ASP A 736 36.22 -17.17 51.94
CA ASP A 736 37.09 -17.08 53.10
C ASP A 736 36.52 -15.88 53.92
N LYS A 737 35.83 -16.19 55.02
CA LYS A 737 35.12 -15.16 55.81
C LYS A 737 35.84 -13.94 56.37
N GLU A 738 36.81 -14.15 57.25
CA GLU A 738 37.53 -13.03 57.81
C GLU A 738 38.58 -12.53 56.82
N LYS A 739 38.15 -12.42 55.57
CA LYS A 739 39.00 -11.96 54.48
C LYS A 739 38.09 -11.45 53.36
N ASN A 740 36.86 -11.99 53.32
CA ASN A 740 35.86 -11.62 52.29
C ASN A 740 36.33 -11.65 50.84
N GLU A 741 37.05 -12.70 50.49
CA GLU A 741 37.52 -12.88 49.13
C GLU A 741 37.20 -14.32 48.74
N LEU A 742 36.97 -14.55 47.45
CA LEU A 742 36.61 -15.88 46.98
C LEU A 742 37.76 -16.88 46.93
N THR A 743 37.44 -18.13 47.26
CA THR A 743 38.39 -19.24 47.25
C THR A 743 38.14 -20.08 45.98
N TYR A 744 39.21 -20.59 45.37
CA TYR A 744 39.08 -21.39 44.16
C TYR A 744 39.82 -22.72 44.24
N GLY A 745 39.07 -23.82 44.20
CA GLY A 745 39.64 -25.14 44.25
C GLY A 745 39.49 -25.81 42.91
N PHE A 746 40.53 -26.48 42.46
CA PHE A 746 40.52 -27.15 41.17
C PHE A 746 40.94 -28.59 41.30
N GLN A 747 40.33 -29.45 40.50
CA GLN A 747 40.67 -30.88 40.44
C GLN A 747 40.40 -31.36 39.05
N SER A 748 41.27 -32.18 38.52
CA SER A 748 41.12 -32.67 37.14
C SER A 748 40.99 -34.13 37.07
N ALA A 749 40.74 -34.65 35.85
CA ALA A 749 40.70 -36.10 35.58
C ALA A 749 40.10 -36.44 34.24
N GLN A 750 40.37 -37.70 33.80
CA GLN A 750 39.84 -38.30 32.54
C GLN A 750 38.33 -38.15 32.59
N LYS A 751 37.80 -38.51 33.75
CA LYS A 751 36.42 -38.35 34.11
C LYS A 751 36.57 -37.93 35.56
N HIS A 752 36.47 -38.89 36.47
CA HIS A 752 36.70 -38.62 37.89
C HIS A 752 37.47 -39.82 38.55
N LYS A 753 38.44 -40.39 37.79
CA LYS A 753 39.20 -41.59 38.22
C LYS A 753 40.00 -41.48 39.54
N ALA A 754 39.54 -42.24 40.56
CA ALA A 754 40.16 -42.24 41.91
C ALA A 754 39.86 -40.95 42.65
N GLU A 755 40.90 -40.22 43.04
CA GLU A 755 40.72 -38.94 43.73
C GLU A 755 41.77 -37.91 43.29
#